data_7JU0
#
_entry.id   7JU0
#
_cell.length_a   114.837
_cell.length_b   114.837
_cell.length_c   230.262
_cell.angle_alpha   90.000
_cell.angle_beta   90.000
_cell.angle_gamma   120.000
#
_symmetry.space_group_name_H-M   'P 62'
#
loop_
_entity.id
_entity.type
_entity.pdbx_description
1 polymer 'Flavin-dependent tryptophan halogenase RebH'
2 non-polymer 'FLAVIN-ADENINE DINUCLEOTIDE'
3 non-polymer 2-(1H-INDOL-3-YL)ETHANAMINE
4 water water
#
_entity_poly.entity_id   1
_entity_poly.type   'polypeptide(L)'
_entity_poly.pdbx_seq_one_letter_code
;MGSSHHHHHHSSGLVPRGSHMSGKIDKILIVGGGTAGWMAASYLGKALQGTADITLLQAPDIPTLGVGEATIPNLQTAFF
DFLGIPEDEWMRECNASYKVAIKFINWRTAGEGTSEARELDGGPDHFYHSFGLLKYHEQIPLSHYWFDRSYRGKTVEPFD
YACYKEPVILDANRSPRRLDGSKVTNYAWHFDAHLVADFLRRFATEKLGVRHVEDRVEHVQRDANGNIESVRTATGRVFD
ADLFVDCSGFRGLLINKAMEEPFLDMSDHLLNDSAVATQVPHDDDANGVEPFTSAIAMKSGWTWKIPMLGRFGTGYVYSS
RFATEDEAVREFCEMWHLDPETQPLNRIRFRVGRNRRAWVGNCVSIGTSSCFVEPLESTGIYFVYAALYQLVKHFPDKSL
NPVLTARFNREIETMFDDTRDFIQAHFYFSPRTDTPFWRANKELRLADGMQEKIDMYRAGMAINAPASDDAQLYYGNFEE
EFRNFWNNSSYYCVLAGLGLVPDAPSPRLAHMPQATESVDEVFGAVKDRQRNLLETLPSLHEFLRQQHGR
;
_entity_poly.pdbx_strand_id   A,B
#
# COMPACT_ATOMS: atom_id res chain seq x y z
N SER A 22 -1.72 -29.61 -20.61
CA SER A 22 -1.45 -28.17 -20.65
C SER A 22 -0.19 -27.83 -19.82
N GLY A 23 0.83 -27.24 -20.46
CA GLY A 23 2.07 -26.88 -19.78
C GLY A 23 2.39 -25.39 -19.85
N LYS A 24 3.68 -25.02 -19.88
CA LYS A 24 4.02 -23.62 -19.98
C LYS A 24 3.68 -23.04 -21.35
N ILE A 25 3.59 -21.70 -21.41
CA ILE A 25 3.33 -20.98 -22.65
C ILE A 25 4.57 -21.05 -23.52
N ASP A 26 4.42 -21.53 -24.75
CA ASP A 26 5.53 -21.72 -25.66
C ASP A 26 5.66 -20.59 -26.69
N LYS A 27 4.54 -20.14 -27.24
CA LYS A 27 4.50 -19.19 -28.33
C LYS A 27 3.58 -18.05 -27.96
N ILE A 28 4.03 -16.83 -28.27
CA ILE A 28 3.25 -15.60 -28.07
C ILE A 28 3.21 -14.86 -29.39
N LEU A 29 2.04 -14.34 -29.74
CA LEU A 29 1.87 -13.54 -30.93
C LEU A 29 1.40 -12.16 -30.49
N ILE A 30 2.13 -11.14 -30.90
CA ILE A 30 1.79 -9.75 -30.63
C ILE A 30 1.22 -9.19 -31.93
N VAL A 31 0.01 -8.66 -31.89
CA VAL A 31 -0.59 -8.05 -33.08
C VAL A 31 -0.52 -6.54 -32.93
N GLY A 32 0.22 -5.88 -33.81
CA GLY A 32 0.37 -4.44 -33.72
C GLY A 32 1.82 -4.05 -33.50
N GLY A 33 2.30 -3.03 -34.20
CA GLY A 33 3.70 -2.69 -34.07
C GLY A 33 3.98 -1.23 -33.75
N GLY A 34 3.15 -0.59 -32.94
CA GLY A 34 3.40 0.80 -32.61
C GLY A 34 4.37 0.90 -31.46
N THR A 35 4.17 1.91 -30.63
CA THR A 35 4.89 1.97 -29.36
C THR A 35 4.46 0.84 -28.44
N ALA A 36 3.15 0.61 -28.30
CA ALA A 36 2.71 -0.48 -27.44
C ALA A 36 3.26 -1.83 -27.90
N GLY A 37 3.29 -2.05 -29.23
CA GLY A 37 3.69 -3.35 -29.74
C GLY A 37 5.15 -3.68 -29.45
N TRP A 38 6.04 -2.73 -29.72
CA TRP A 38 7.46 -2.98 -29.50
C TRP A 38 7.88 -2.86 -28.05
N MET A 39 7.11 -2.17 -27.21
CA MET A 39 7.38 -2.26 -25.78
C MET A 39 7.01 -3.65 -25.26
N ALA A 40 5.86 -4.18 -25.70
CA ALA A 40 5.45 -5.53 -25.35
C ALA A 40 6.50 -6.56 -25.78
N ALA A 41 6.97 -6.45 -27.01
CA ALA A 41 7.99 -7.37 -27.52
C ALA A 41 9.26 -7.31 -26.68
N SER A 42 9.73 -6.11 -26.38
CA SER A 42 10.95 -6.01 -25.57
C SER A 42 10.73 -6.54 -24.16
N TYR A 43 9.62 -6.14 -23.54
CA TYR A 43 9.43 -6.47 -22.13
C TYR A 43 9.22 -7.97 -21.98
N LEU A 44 8.36 -8.57 -22.82
CA LEU A 44 8.18 -10.01 -22.81
C LEU A 44 9.43 -10.75 -23.29
N GLY A 45 10.07 -10.26 -24.38
CA GLY A 45 11.30 -10.90 -24.83
C GLY A 45 12.34 -10.96 -23.73
N LYS A 46 12.51 -9.85 -23.01
CA LYS A 46 13.44 -9.84 -21.88
C LYS A 46 12.95 -10.74 -20.74
N ALA A 47 11.68 -10.64 -20.36
CA ALA A 47 11.23 -11.38 -19.17
C ALA A 47 11.18 -12.88 -19.41
N LEU A 48 10.91 -13.29 -20.64
CA LEU A 48 10.81 -14.70 -21.02
C LEU A 48 11.97 -15.15 -21.90
N GLN A 49 13.10 -14.44 -21.84
CA GLN A 49 14.18 -14.71 -22.77
C GLN A 49 14.59 -16.17 -22.73
N GLY A 50 14.60 -16.78 -23.90
CA GLY A 50 14.96 -18.17 -24.08
C GLY A 50 13.89 -19.17 -23.76
N THR A 51 12.72 -18.75 -23.30
CA THR A 51 11.69 -19.71 -22.94
C THR A 51 10.38 -19.47 -23.65
N ALA A 52 10.31 -18.51 -24.55
CA ALA A 52 9.14 -18.40 -25.39
C ALA A 52 9.56 -17.81 -26.73
N ASP A 53 8.87 -18.24 -27.78
CA ASP A 53 9.06 -17.70 -29.13
C ASP A 53 8.05 -16.58 -29.34
N ILE A 54 8.54 -15.35 -29.52
CA ILE A 54 7.69 -14.17 -29.64
C ILE A 54 7.70 -13.69 -31.08
N THR A 55 6.51 -13.54 -31.65
CA THR A 55 6.32 -13.08 -33.02
C THR A 55 5.41 -11.87 -33.00
N LEU A 56 5.76 -10.83 -33.75
CA LEU A 56 4.96 -9.62 -33.81
C LEU A 56 4.60 -9.34 -35.27
N LEU A 57 3.31 -9.18 -35.52
CA LEU A 57 2.79 -8.85 -36.84
C LEU A 57 2.51 -7.38 -36.90
N GLN A 58 3.04 -6.74 -37.93
CA GLN A 58 3.02 -5.29 -38.06
C GLN A 58 2.61 -4.95 -39.49
N ALA A 59 1.55 -4.33 -39.62
CA ALA A 59 1.13 -3.90 -40.93
C ALA A 59 1.59 -2.47 -41.19
N PRO A 60 1.90 -2.13 -42.45
CA PRO A 60 2.21 -0.73 -42.77
C PRO A 60 0.99 0.15 -42.54
N ASP A 61 1.22 1.32 -41.96
CA ASP A 61 0.15 2.26 -41.62
C ASP A 61 0.52 3.64 -42.17
N ILE A 62 -0.49 4.49 -42.32
CA ILE A 62 -0.26 5.87 -42.76
C ILE A 62 0.49 6.57 -41.63
N PRO A 63 1.71 7.02 -41.89
CA PRO A 63 2.52 7.59 -40.80
C PRO A 63 1.97 8.93 -40.36
N THR A 64 2.23 9.26 -39.10
CA THR A 64 1.80 10.50 -38.50
C THR A 64 3.02 11.35 -38.20
N LEU A 65 2.78 12.64 -37.95
CA LEU A 65 3.82 13.53 -37.47
C LEU A 65 4.24 13.13 -36.06
N GLY A 66 5.49 13.44 -35.73
CA GLY A 66 5.97 13.28 -34.37
C GLY A 66 5.52 14.43 -33.48
N VAL A 67 4.46 14.22 -32.70
CA VAL A 67 3.86 15.30 -31.93
C VAL A 67 4.27 15.23 -30.46
N GLY A 68 5.23 14.37 -30.12
CA GLY A 68 5.79 14.36 -28.79
C GLY A 68 4.99 13.55 -27.79
N GLU A 69 5.69 12.94 -26.83
CA GLU A 69 5.08 12.21 -25.72
C GLU A 69 5.84 12.57 -24.45
N ALA A 70 5.14 12.73 -23.35
CA ALA A 70 5.82 12.99 -22.10
C ALA A 70 5.69 11.77 -21.20
N THR A 71 6.71 11.57 -20.36
CA THR A 71 6.82 10.35 -19.57
C THR A 71 6.95 10.70 -18.09
N ILE A 72 7.22 9.67 -17.29
CA ILE A 72 7.32 9.87 -15.84
C ILE A 72 8.54 9.08 -15.36
N PRO A 73 9.13 9.48 -14.22
CA PRO A 73 10.46 8.95 -13.87
C PRO A 73 10.59 7.44 -13.95
N ASN A 74 9.55 6.68 -13.62
CA ASN A 74 9.74 5.23 -13.57
C ASN A 74 9.76 4.57 -14.95
N LEU A 75 9.76 5.36 -16.03
CA LEU A 75 10.05 4.80 -17.34
C LEU A 75 11.47 4.26 -17.39
N GLN A 76 12.42 4.96 -16.75
CA GLN A 76 13.77 4.44 -16.71
C GLN A 76 13.88 3.26 -15.75
N THR A 77 13.30 3.38 -14.55
CA THR A 77 13.52 2.34 -13.54
C THR A 77 12.65 1.11 -13.76
N ALA A 78 11.42 1.26 -14.24
CA ALA A 78 10.61 0.07 -14.44
C ALA A 78 10.74 -0.55 -15.82
N PHE A 79 11.12 0.20 -16.86
CA PHE A 79 11.11 -0.31 -18.22
C PHE A 79 12.52 -0.44 -18.77
N PHE A 80 13.22 0.67 -19.02
CA PHE A 80 14.51 0.56 -19.69
C PHE A 80 15.54 -0.15 -18.81
N ASP A 81 15.51 0.08 -17.51
CA ASP A 81 16.39 -0.67 -16.62
C ASP A 81 16.10 -2.16 -16.69
N PHE A 82 14.82 -2.54 -16.73
CA PHE A 82 14.46 -3.95 -16.86
C PHE A 82 15.08 -4.56 -18.11
N LEU A 83 15.03 -3.83 -19.23
CA LEU A 83 15.62 -4.31 -20.46
C LEU A 83 17.14 -4.37 -20.39
N GLY A 84 17.77 -3.69 -19.44
CA GLY A 84 19.20 -3.52 -19.42
C GLY A 84 19.74 -2.36 -20.24
N ILE A 85 18.93 -1.35 -20.55
CA ILE A 85 19.32 -0.26 -21.43
C ILE A 85 19.52 1.01 -20.61
N PRO A 86 20.75 1.49 -20.47
CA PRO A 86 21.00 2.70 -19.69
C PRO A 86 20.39 3.95 -20.34
N GLU A 87 20.00 4.89 -19.47
CA GLU A 87 19.31 6.10 -19.90
C GLU A 87 20.01 6.76 -21.08
N ASP A 88 21.33 6.89 -21.03
CA ASP A 88 21.99 7.60 -22.11
C ASP A 88 21.97 6.83 -23.42
N GLU A 89 21.88 5.49 -23.40
CA GLU A 89 21.84 4.77 -24.66
C GLU A 89 20.55 5.03 -25.41
N TRP A 90 19.41 5.10 -24.72
CA TRP A 90 18.17 5.31 -25.47
C TRP A 90 17.85 6.79 -25.70
N MET A 91 18.32 7.70 -24.84
CA MET A 91 18.10 9.13 -25.09
C MET A 91 18.82 9.63 -26.35
N ARG A 92 20.06 9.15 -26.61
CA ARG A 92 20.84 9.63 -27.75
C ARG A 92 20.22 9.25 -29.08
N GLU A 93 19.51 8.13 -29.13
CA GLU A 93 18.88 7.68 -30.37
C GLU A 93 17.49 8.26 -30.57
N CYS A 94 16.84 8.65 -29.50
CA CYS A 94 15.46 9.12 -29.57
C CYS A 94 15.38 10.63 -29.43
N ASN A 95 16.53 11.32 -29.51
CA ASN A 95 16.62 12.79 -29.58
C ASN A 95 15.72 13.42 -28.53
N ALA A 96 15.86 12.91 -27.31
CA ALA A 96 14.98 13.18 -26.19
C ALA A 96 15.42 14.43 -25.44
N SER A 97 14.47 15.07 -24.77
CA SER A 97 14.76 16.18 -23.87
C SER A 97 14.24 15.81 -22.46
N TYR A 98 14.43 16.71 -21.49
CA TYR A 98 14.14 16.42 -20.10
C TYR A 98 12.85 17.06 -19.61
N LYS A 99 12.15 16.36 -18.71
CA LYS A 99 10.88 16.84 -18.17
C LYS A 99 10.92 16.83 -16.66
N VAL A 100 10.80 18.01 -16.04
CA VAL A 100 10.81 18.11 -14.58
C VAL A 100 9.42 18.33 -14.02
N ALA A 101 8.45 18.70 -14.85
CA ALA A 101 7.12 19.05 -14.34
C ALA A 101 6.17 19.16 -15.50
N ILE A 102 4.90 19.25 -15.17
CA ILE A 102 3.86 19.73 -16.07
C ILE A 102 3.47 21.10 -15.58
N LYS A 103 3.52 22.11 -16.47
CA LYS A 103 3.14 23.47 -16.12
C LYS A 103 1.76 23.77 -16.68
N PHE A 104 0.85 24.18 -15.83
CA PHE A 104 -0.55 24.34 -16.18
C PHE A 104 -0.84 25.82 -16.35
N ILE A 105 -1.22 26.22 -17.56
CA ILE A 105 -1.28 27.62 -17.95
C ILE A 105 -2.73 27.98 -18.28
N ASN A 106 -3.26 28.99 -17.58
CA ASN A 106 -4.55 29.62 -17.89
C ASN A 106 -5.75 28.75 -17.52
N TRP A 107 -5.62 27.90 -16.51
CA TRP A 107 -6.72 27.07 -16.05
C TRP A 107 -7.65 27.79 -15.07
N ARG A 108 -7.25 28.96 -14.60
CA ARG A 108 -8.05 29.68 -13.63
C ARG A 108 -8.61 30.99 -14.16
N THR A 109 -8.32 31.36 -15.41
CA THR A 109 -8.70 32.68 -15.92
C THR A 109 -9.39 32.55 -17.28
N ALA A 110 -10.31 33.48 -17.53
CA ALA A 110 -11.12 33.46 -18.74
C ALA A 110 -10.34 34.03 -19.91
N GLY A 111 -10.53 33.44 -21.08
CA GLY A 111 -10.04 34.04 -22.30
C GLY A 111 -9.85 33.02 -23.41
N GLU A 112 -9.26 33.51 -24.50
CA GLU A 112 -8.92 32.73 -25.67
C GLU A 112 -7.77 31.78 -25.35
N GLY A 113 -7.50 30.86 -26.29
CA GLY A 113 -6.40 29.95 -26.19
C GLY A 113 -5.11 30.57 -26.67
N THR A 114 -4.22 30.89 -25.73
CA THR A 114 -3.00 31.65 -25.99
C THR A 114 -1.85 30.97 -25.28
N SER A 115 -0.70 30.91 -25.93
CA SER A 115 0.46 30.34 -25.27
C SER A 115 0.94 31.19 -24.08
N GLU A 116 0.66 32.51 -24.08
CA GLU A 116 1.10 33.41 -23.01
C GLU A 116 0.12 33.38 -21.84
N ALA A 117 0.67 33.38 -20.62
CA ALA A 117 -0.13 33.24 -19.40
C ALA A 117 -0.78 34.56 -19.00
N ARG A 118 -2.08 34.53 -18.75
CA ARG A 118 -2.79 35.69 -18.26
C ARG A 118 -2.34 36.01 -16.84
N GLU A 119 -2.76 37.13 -16.31
CA GLU A 119 -2.38 37.51 -14.98
C GLU A 119 -3.45 37.18 -13.98
N LEU A 120 -3.04 36.69 -12.83
CA LEU A 120 -3.96 36.35 -11.79
C LEU A 120 -3.34 36.60 -10.46
N ASP A 121 -3.96 37.45 -9.67
CA ASP A 121 -3.47 37.76 -8.36
C ASP A 121 -2.07 38.29 -8.38
N GLY A 122 -1.84 39.21 -9.29
CA GLY A 122 -0.53 39.83 -9.38
C GLY A 122 0.59 38.87 -9.71
N GLY A 123 0.31 37.87 -10.54
CA GLY A 123 1.30 36.98 -11.08
C GLY A 123 0.72 36.19 -12.24
N PRO A 124 1.58 35.52 -13.00
CA PRO A 124 1.11 34.71 -14.13
C PRO A 124 0.21 33.57 -13.63
N ASP A 125 -0.80 33.25 -14.45
CA ASP A 125 -1.74 32.18 -14.13
C ASP A 125 -1.19 30.83 -14.58
N HIS A 126 -0.19 30.34 -13.83
CA HIS A 126 0.29 28.98 -14.02
C HIS A 126 0.55 28.32 -12.67
N PHE A 127 0.55 26.99 -12.66
CA PHE A 127 1.04 26.24 -11.51
C PHE A 127 1.72 24.98 -12.03
N TYR A 128 2.62 24.41 -11.21
CA TYR A 128 3.37 23.22 -11.62
C TYR A 128 2.91 21.98 -10.87
N HIS A 129 2.87 20.87 -11.59
CA HIS A 129 2.78 19.55 -11.01
C HIS A 129 4.16 18.93 -11.18
N SER A 130 4.96 18.92 -10.12
CA SER A 130 6.33 18.40 -10.16
C SER A 130 6.38 16.94 -9.73
N PHE A 131 7.58 16.38 -9.75
CA PHE A 131 7.81 14.99 -9.43
C PHE A 131 8.30 14.75 -7.99
N GLY A 132 8.77 15.77 -7.28
CA GLY A 132 9.21 15.54 -5.92
C GLY A 132 8.10 15.00 -5.03
N LEU A 133 8.49 14.40 -3.90
CA LEU A 133 7.51 14.05 -2.87
C LEU A 133 7.59 15.07 -1.73
N LEU A 134 6.43 15.46 -1.20
CA LEU A 134 6.40 16.39 -0.08
C LEU A 134 7.11 15.81 1.14
N LYS A 135 7.93 16.60 1.76
CA LYS A 135 8.59 16.12 2.92
C LYS A 135 7.65 16.04 4.06
N TYR A 136 7.81 15.01 4.85
CA TYR A 136 7.11 14.83 6.11
C TYR A 136 7.81 15.63 7.19
N HIS A 137 7.03 16.34 7.98
CA HIS A 137 7.52 17.00 9.19
C HIS A 137 6.65 16.51 10.33
N GLU A 138 7.24 15.73 11.24
CA GLU A 138 6.52 15.16 12.39
C GLU A 138 5.33 14.31 11.94
N GLN A 139 5.59 13.38 11.02
CA GLN A 139 4.58 12.45 10.48
C GLN A 139 3.50 13.13 9.63
N ILE A 140 3.65 14.39 9.26
CA ILE A 140 2.58 15.12 8.56
C ILE A 140 3.13 15.75 7.28
N PRO A 141 2.43 15.65 6.14
CA PRO A 141 2.98 16.21 4.89
C PRO A 141 3.06 17.74 4.95
N LEU A 142 4.13 18.27 4.34
CA LEU A 142 4.31 19.71 4.35
C LEU A 142 3.10 20.46 3.80
N SER A 143 2.31 19.80 2.94
CA SER A 143 1.13 20.45 2.40
C SER A 143 0.20 20.94 3.50
N HIS A 144 0.13 20.20 4.62
CA HIS A 144 -0.80 20.58 5.68
C HIS A 144 -0.32 21.80 6.43
N TYR A 145 0.99 21.90 6.65
CA TYR A 145 1.57 23.11 7.24
C TYR A 145 1.38 24.31 6.34
N TRP A 146 1.60 24.15 5.04
CA TRP A 146 1.34 25.24 4.11
C TRP A 146 -0.10 25.70 4.21
N PHE A 147 -1.05 24.76 4.09
CA PHE A 147 -2.44 25.21 4.16
C PHE A 147 -2.73 25.87 5.50
N ASP A 148 -2.14 25.39 6.57
CA ASP A 148 -2.33 25.98 7.89
C ASP A 148 -1.94 27.43 7.84
N ARG A 149 -0.73 27.73 7.43
CA ARG A 149 -0.34 29.14 7.34
C ARG A 149 -1.23 29.90 6.38
N SER A 150 -1.49 29.34 5.18
CA SER A 150 -2.28 30.04 4.17
C SER A 150 -3.68 30.37 4.68
N TYR A 151 -4.30 29.46 5.44
CA TYR A 151 -5.65 29.70 5.95
C TYR A 151 -5.69 30.81 6.98
N ARG A 152 -4.74 30.78 7.93
CA ARG A 152 -4.59 31.80 8.97
C ARG A 152 -3.94 33.08 8.44
N GLY A 153 -3.75 33.21 7.11
CA GLY A 153 -3.28 34.47 6.57
C GLY A 153 -1.84 34.81 6.87
N LYS A 154 -1.04 33.84 7.35
CA LYS A 154 0.37 34.09 7.56
C LYS A 154 1.23 33.84 6.32
N THR A 155 0.62 33.51 5.17
CA THR A 155 1.30 33.40 3.88
C THR A 155 0.28 33.55 2.77
N VAL A 156 0.69 34.16 1.66
CA VAL A 156 -0.07 34.08 0.41
C VAL A 156 0.70 33.38 -0.70
N GLU A 157 1.82 32.76 -0.37
CA GLU A 157 2.61 32.09 -1.38
C GLU A 157 1.86 30.85 -1.89
N PRO A 158 1.83 30.62 -3.19
CA PRO A 158 1.08 29.48 -3.72
C PRO A 158 1.70 28.17 -3.26
N PHE A 159 0.85 27.12 -3.24
CA PHE A 159 1.27 25.83 -2.72
C PHE A 159 2.58 25.35 -3.34
N ASP A 160 2.69 25.42 -4.67
CA ASP A 160 3.86 24.81 -5.30
C ASP A 160 5.14 25.54 -4.98
N TYR A 161 5.10 26.88 -4.90
CA TYR A 161 6.31 27.66 -4.62
C TYR A 161 6.75 27.51 -3.16
N ALA A 162 5.82 27.24 -2.25
CA ALA A 162 6.17 27.07 -0.84
C ALA A 162 6.87 25.75 -0.61
N CYS A 163 6.39 24.69 -1.27
CA CYS A 163 6.75 23.34 -0.87
C CYS A 163 7.75 22.64 -1.78
N TYR A 164 7.97 23.14 -3.00
CA TYR A 164 8.91 22.53 -3.94
C TYR A 164 10.00 23.51 -4.32
N LYS A 165 11.24 23.03 -4.50
CA LYS A 165 12.27 23.89 -5.07
C LYS A 165 12.07 24.11 -6.58
N GLU A 166 11.46 23.15 -7.28
CA GLU A 166 11.43 23.19 -8.75
C GLU A 166 10.84 24.46 -9.34
N PRO A 167 9.66 24.94 -8.93
CA PRO A 167 9.04 26.07 -9.65
C PRO A 167 10.00 27.22 -9.94
N VAL A 168 10.82 27.60 -8.97
CA VAL A 168 11.73 28.73 -9.19
C VAL A 168 12.72 28.41 -10.32
N ILE A 169 13.29 27.20 -10.32
CA ILE A 169 14.29 26.90 -11.34
C ILE A 169 13.67 26.59 -12.70
N LEU A 170 12.41 26.15 -12.77
CA LEU A 170 11.81 25.96 -14.08
C LEU A 170 11.33 27.27 -14.67
N ASP A 171 10.85 28.19 -13.85
CA ASP A 171 10.65 29.54 -14.33
C ASP A 171 11.89 30.06 -15.07
N ALA A 172 13.09 29.57 -14.72
CA ALA A 172 14.35 29.95 -15.35
C ALA A 172 14.87 28.90 -16.33
N ASN A 173 14.02 27.94 -16.76
CA ASN A 173 14.41 26.89 -17.70
C ASN A 173 15.72 26.20 -17.29
N ARG A 174 15.89 25.96 -16.00
CA ARG A 174 17.10 25.32 -15.54
C ARG A 174 17.11 23.85 -15.92
N SER A 175 18.29 23.28 -15.98
CA SER A 175 18.49 21.87 -16.21
C SER A 175 18.26 21.08 -14.93
N PRO A 176 17.79 19.83 -15.02
CA PRO A 176 17.71 18.99 -13.83
C PRO A 176 19.03 18.35 -13.44
N ARG A 177 20.07 18.40 -14.30
CA ARG A 177 21.41 17.89 -14.00
C ARG A 177 22.42 19.04 -14.08
N ARG A 178 23.43 19.01 -13.22
CA ARG A 178 24.53 19.95 -13.36
C ARG A 178 25.43 19.55 -14.53
N LEU A 179 26.36 20.42 -14.91
CA LEU A 179 27.18 20.08 -16.07
C LEU A 179 28.06 18.87 -15.77
N ASP A 180 28.43 18.67 -14.51
CA ASP A 180 29.13 17.43 -14.16
C ASP A 180 28.22 16.19 -14.17
N GLY A 181 26.94 16.31 -14.56
CA GLY A 181 26.01 15.19 -14.61
C GLY A 181 25.20 14.94 -13.34
N SER A 182 25.54 15.60 -12.25
CA SER A 182 24.92 15.25 -10.98
C SER A 182 23.48 15.76 -10.94
N LYS A 183 22.60 14.93 -10.38
CA LYS A 183 21.17 15.13 -10.48
C LYS A 183 20.68 15.92 -9.26
N VAL A 184 19.86 16.94 -9.50
CA VAL A 184 19.38 17.80 -8.42
C VAL A 184 17.88 17.71 -8.23
N THR A 185 17.16 17.03 -9.11
CA THR A 185 15.70 16.88 -8.96
C THR A 185 15.26 15.67 -9.76
N ASN A 186 14.12 15.10 -9.37
CA ASN A 186 13.56 14.00 -10.14
C ASN A 186 13.05 14.52 -11.46
N TYR A 187 13.24 13.72 -12.52
CA TYR A 187 12.82 14.15 -13.84
C TYR A 187 12.42 12.94 -14.65
N ALA A 188 11.71 13.22 -15.75
CA ALA A 188 11.39 12.24 -16.78
C ALA A 188 11.78 12.77 -18.18
N TRP A 189 11.08 12.37 -19.24
CA TRP A 189 11.57 12.60 -20.61
C TRP A 189 10.47 13.08 -21.54
N HIS A 190 10.88 13.88 -22.52
CA HIS A 190 10.11 14.20 -23.72
C HIS A 190 10.80 13.56 -24.93
N PHE A 191 10.01 12.97 -25.82
CA PHE A 191 10.57 12.44 -27.05
C PHE A 191 9.46 12.23 -28.06
N ASP A 192 9.88 11.94 -29.30
CA ASP A 192 8.98 11.47 -30.36
C ASP A 192 8.79 9.97 -30.21
N ALA A 193 7.55 9.53 -29.98
CA ALA A 193 7.31 8.10 -29.73
C ALA A 193 7.83 7.23 -30.87
N HIS A 194 7.75 7.71 -32.11
CA HIS A 194 8.16 6.85 -33.22
C HIS A 194 9.62 6.44 -33.09
N LEU A 195 10.47 7.36 -32.62
CA LEU A 195 11.89 7.04 -32.54
C LEU A 195 12.13 5.98 -31.49
N VAL A 196 11.40 6.03 -30.38
CA VAL A 196 11.52 5.00 -29.36
C VAL A 196 11.03 3.66 -29.90
N ALA A 197 9.88 3.65 -30.60
CA ALA A 197 9.38 2.40 -31.17
C ALA A 197 10.43 1.75 -32.06
N ASP A 198 11.09 2.55 -32.92
CA ASP A 198 12.11 1.97 -33.79
C ASP A 198 13.38 1.58 -33.04
N PHE A 199 13.77 2.33 -32.02
CA PHE A 199 14.86 1.86 -31.16
C PHE A 199 14.54 0.50 -30.56
N LEU A 200 13.31 0.32 -30.07
CA LEU A 200 12.90 -0.94 -29.47
C LEU A 200 12.76 -2.08 -30.49
N ARG A 201 12.25 -1.80 -31.68
CA ARG A 201 12.17 -2.85 -32.70
C ARG A 201 13.57 -3.35 -33.06
N ARG A 202 14.52 -2.43 -33.17
CA ARG A 202 15.90 -2.87 -33.42
C ARG A 202 16.39 -3.70 -32.26
N PHE A 203 16.01 -3.34 -31.04
CA PHE A 203 16.47 -4.04 -29.84
C PHE A 203 15.82 -5.43 -29.73
N ALA A 204 14.50 -5.49 -29.86
CA ALA A 204 13.82 -6.77 -29.69
C ALA A 204 14.25 -7.79 -30.75
N THR A 205 14.36 -7.35 -32.01
CA THR A 205 14.67 -8.29 -33.09
C THR A 205 16.15 -8.68 -33.08
N GLU A 206 17.03 -7.73 -32.82
CA GLU A 206 18.47 -8.00 -32.83
C GLU A 206 19.01 -8.55 -31.51
N LYS A 207 18.41 -8.21 -30.37
CA LYS A 207 18.95 -8.70 -29.10
C LYS A 207 18.09 -9.75 -28.39
N LEU A 208 16.79 -9.82 -28.66
CA LEU A 208 15.88 -10.69 -27.90
C LEU A 208 15.28 -11.80 -28.74
N GLY A 209 15.64 -11.90 -30.01
CA GLY A 209 15.08 -12.98 -30.79
C GLY A 209 13.65 -12.78 -31.19
N VAL A 210 13.04 -11.65 -30.86
CA VAL A 210 11.67 -11.45 -31.30
C VAL A 210 11.65 -11.38 -32.83
N ARG A 211 10.65 -12.02 -33.41
CA ARG A 211 10.58 -12.14 -34.84
C ARG A 211 9.52 -11.19 -35.37
N HIS A 212 9.91 -10.39 -36.35
CA HIS A 212 9.06 -9.40 -36.99
C HIS A 212 8.54 -9.97 -38.31
N VAL A 213 7.25 -9.83 -38.54
CA VAL A 213 6.64 -10.24 -39.80
C VAL A 213 5.70 -9.12 -40.21
N GLU A 214 5.93 -8.52 -41.38
CA GLU A 214 4.96 -7.54 -41.83
C GLU A 214 3.84 -8.27 -42.53
N ASP A 215 2.65 -8.09 -42.00
CA ASP A 215 1.47 -8.70 -42.58
C ASP A 215 0.29 -8.07 -41.86
N ARG A 216 -0.87 -8.22 -42.46
CA ARG A 216 -2.09 -7.57 -42.03
C ARG A 216 -3.10 -8.65 -41.64
N VAL A 217 -3.64 -8.58 -40.43
CA VAL A 217 -4.57 -9.60 -39.98
C VAL A 217 -5.86 -9.50 -40.78
N GLU A 218 -6.33 -10.64 -41.29
CA GLU A 218 -7.62 -10.68 -42.00
C GLU A 218 -8.73 -11.42 -41.25
N HIS A 219 -8.38 -12.43 -40.46
CA HIS A 219 -9.37 -13.29 -39.83
C HIS A 219 -8.75 -13.92 -38.58
N VAL A 220 -9.51 -13.91 -37.49
CA VAL A 220 -9.10 -14.51 -36.22
C VAL A 220 -9.95 -15.75 -35.95
N GLN A 221 -9.28 -16.88 -35.70
CA GLN A 221 -9.94 -18.17 -35.50
C GLN A 221 -10.02 -18.45 -34.01
N ARG A 222 -11.23 -18.61 -33.51
CA ARG A 222 -11.47 -18.97 -32.12
C ARG A 222 -11.90 -20.44 -32.00
N ASP A 223 -11.59 -21.04 -30.85
CA ASP A 223 -12.07 -22.37 -30.56
C ASP A 223 -13.40 -22.28 -29.80
N ALA A 224 -13.93 -23.45 -29.40
CA ALA A 224 -15.24 -23.51 -28.75
C ALA A 224 -15.21 -22.99 -27.31
N ASN A 225 -14.03 -22.80 -26.72
CA ASN A 225 -13.88 -22.11 -25.44
C ASN A 225 -13.80 -20.59 -25.56
N GLY A 226 -13.80 -20.04 -26.79
CA GLY A 226 -13.69 -18.61 -26.98
C GLY A 226 -12.28 -18.08 -27.03
N ASN A 227 -11.29 -18.93 -26.85
CA ASN A 227 -9.91 -18.49 -26.94
C ASN A 227 -9.46 -18.40 -28.39
N ILE A 228 -8.40 -17.63 -28.62
CA ILE A 228 -7.92 -17.48 -29.98
C ILE A 228 -7.03 -18.66 -30.31
N GLU A 229 -7.31 -19.29 -31.46
CA GLU A 229 -6.55 -20.43 -31.95
C GLU A 229 -5.42 -19.99 -32.87
N SER A 230 -5.71 -19.03 -33.74
CA SER A 230 -4.76 -18.55 -34.74
C SER A 230 -5.30 -17.25 -35.34
N VAL A 231 -4.41 -16.53 -36.03
CA VAL A 231 -4.80 -15.43 -36.89
C VAL A 231 -4.35 -15.76 -38.30
N ARG A 232 -5.18 -15.42 -39.28
CA ARG A 232 -4.85 -15.61 -40.69
C ARG A 232 -4.64 -14.24 -41.33
N THR A 233 -3.50 -14.06 -41.97
CA THR A 233 -3.13 -12.79 -42.57
C THR A 233 -3.61 -12.72 -44.03
N ALA A 234 -3.49 -11.54 -44.64
CA ALA A 234 -3.97 -11.38 -46.02
C ALA A 234 -3.10 -12.14 -47.00
N THR A 235 -1.90 -12.44 -46.59
CA THR A 235 -0.97 -13.35 -47.23
C THR A 235 -1.44 -14.80 -47.25
N GLY A 236 -2.34 -15.21 -46.36
CA GLY A 236 -2.68 -16.61 -46.19
C GLY A 236 -1.82 -17.35 -45.20
N ARG A 237 -0.79 -16.71 -44.65
CA ARG A 237 -0.06 -17.29 -43.53
C ARG A 237 -0.95 -17.40 -42.29
N VAL A 238 -0.70 -18.45 -41.49
CA VAL A 238 -1.49 -18.73 -40.28
C VAL A 238 -0.56 -18.73 -39.08
N PHE A 239 -0.85 -17.87 -38.11
CA PHE A 239 -0.06 -17.73 -36.88
C PHE A 239 -0.86 -18.26 -35.71
N ASP A 240 -0.34 -19.30 -35.08
CA ASP A 240 -0.93 -19.85 -33.87
C ASP A 240 -0.01 -19.55 -32.69
N ALA A 241 -0.58 -19.66 -31.50
CA ALA A 241 0.16 -19.26 -30.32
C ALA A 241 -0.69 -19.58 -29.12
N ASP A 242 -0.05 -19.67 -27.98
CA ASP A 242 -0.78 -19.96 -26.76
C ASP A 242 -1.44 -18.71 -26.19
N LEU A 243 -0.76 -17.57 -26.30
CA LEU A 243 -1.13 -16.28 -25.72
C LEU A 243 -1.05 -15.21 -26.79
N PHE A 244 -2.07 -14.36 -26.84
CA PHE A 244 -2.13 -13.31 -27.86
C PHE A 244 -2.14 -11.95 -27.20
N VAL A 245 -1.21 -11.09 -27.63
CA VAL A 245 -1.13 -9.73 -27.12
C VAL A 245 -1.68 -8.78 -28.17
N ASP A 246 -2.79 -8.11 -27.85
CA ASP A 246 -3.42 -7.18 -28.78
C ASP A 246 -2.82 -5.79 -28.60
N CYS A 247 -2.03 -5.35 -29.57
CA CYS A 247 -1.46 -4.01 -29.61
C CYS A 247 -1.89 -3.28 -30.87
N SER A 248 -3.10 -3.55 -31.31
CA SER A 248 -3.65 -2.98 -32.53
C SER A 248 -4.18 -1.57 -32.35
N GLY A 249 -4.03 -0.98 -31.17
CA GLY A 249 -4.54 0.37 -30.97
C GLY A 249 -6.06 0.41 -30.88
N PHE A 250 -6.64 1.52 -31.24
CA PHE A 250 -8.04 1.74 -31.06
C PHE A 250 -8.91 0.70 -31.70
N ARG A 251 -8.44 0.05 -32.73
CA ARG A 251 -9.20 -0.98 -33.39
C ARG A 251 -9.49 -2.19 -32.51
N GLY A 252 -8.55 -2.60 -31.68
CA GLY A 252 -8.74 -3.75 -30.82
C GLY A 252 -9.10 -4.93 -31.66
N LEU A 253 -8.29 -5.19 -32.66
CA LEU A 253 -8.62 -6.23 -33.62
C LEU A 253 -8.77 -7.60 -32.97
N LEU A 254 -8.20 -7.84 -31.80
CA LEU A 254 -8.42 -9.09 -31.06
C LEU A 254 -9.40 -8.92 -29.89
N ILE A 255 -9.08 -8.03 -28.93
CA ILE A 255 -9.88 -7.96 -27.71
C ILE A 255 -11.31 -7.55 -28.01
N ASN A 256 -11.52 -6.64 -28.97
CA ASN A 256 -12.85 -6.10 -29.28
C ASN A 256 -13.46 -6.77 -30.51
N LYS A 257 -12.78 -6.79 -31.66
CA LYS A 257 -13.34 -7.43 -32.86
C LYS A 257 -13.62 -8.91 -32.63
N ALA A 258 -12.58 -9.69 -32.31
CA ALA A 258 -12.72 -11.14 -32.19
C ALA A 258 -13.34 -11.56 -30.84
N MET A 259 -12.69 -11.21 -29.72
CA MET A 259 -13.22 -11.64 -28.43
C MET A 259 -14.52 -10.93 -28.04
N GLU A 260 -14.93 -9.88 -28.77
CA GLU A 260 -16.20 -9.18 -28.56
C GLU A 260 -16.30 -8.53 -27.19
N GLU A 261 -15.16 -8.23 -26.56
CA GLU A 261 -15.20 -7.59 -25.24
C GLU A 261 -15.74 -6.17 -25.36
N PRO A 262 -16.74 -5.80 -24.56
CA PRO A 262 -17.30 -4.45 -24.69
C PRO A 262 -16.30 -3.38 -24.27
N PHE A 263 -16.43 -2.22 -24.89
CA PHE A 263 -15.65 -1.05 -24.49
C PHE A 263 -16.52 -0.14 -23.65
N LEU A 264 -16.06 0.19 -22.44
CA LEU A 264 -16.75 1.14 -21.57
C LEU A 264 -16.39 2.57 -21.96
N ASP A 265 -17.37 3.29 -22.50
CA ASP A 265 -17.17 4.68 -22.85
C ASP A 265 -17.30 5.52 -21.58
N MET A 266 -16.31 6.36 -21.30
CA MET A 266 -16.35 7.10 -20.05
C MET A 266 -16.53 8.59 -20.27
N SER A 267 -17.33 8.93 -21.28
CA SER A 267 -17.59 10.32 -21.61
C SER A 267 -18.52 11.00 -20.62
N ASP A 268 -19.07 10.26 -19.65
CA ASP A 268 -19.77 10.86 -18.51
C ASP A 268 -18.79 11.35 -17.45
N HIS A 269 -17.50 11.11 -17.64
CA HIS A 269 -16.49 11.69 -16.77
C HIS A 269 -15.54 12.63 -17.46
N LEU A 270 -15.37 12.50 -18.77
CA LEU A 270 -14.36 13.21 -19.55
C LEU A 270 -14.97 13.55 -20.90
N LEU A 271 -15.15 14.84 -21.18
CA LEU A 271 -15.75 15.28 -22.43
C LEU A 271 -14.76 15.36 -23.60
N ASN A 272 -13.45 15.26 -23.36
CA ASN A 272 -12.50 15.42 -24.44
C ASN A 272 -12.37 14.13 -25.22
N ASP A 273 -12.45 14.24 -26.54
CA ASP A 273 -12.55 13.07 -27.39
C ASP A 273 -11.81 13.25 -28.71
N SER A 274 -11.21 14.41 -28.96
CA SER A 274 -10.52 14.66 -30.20
C SER A 274 -9.25 15.47 -29.94
N ALA A 275 -8.39 15.48 -30.96
CA ALA A 275 -7.21 16.33 -30.95
C ALA A 275 -6.84 16.73 -32.38
N VAL A 276 -6.23 17.90 -32.50
CA VAL A 276 -5.40 18.26 -33.65
C VAL A 276 -4.01 18.56 -33.13
N ALA A 277 -2.99 18.07 -33.83
CA ALA A 277 -1.63 18.23 -33.37
C ALA A 277 -0.73 18.43 -34.58
N THR A 278 0.46 18.94 -34.30
CA THR A 278 1.51 19.09 -35.30
C THR A 278 2.83 19.15 -34.56
N GLN A 279 3.87 19.56 -35.28
CA GLN A 279 5.21 19.71 -34.73
C GLN A 279 5.78 21.00 -35.29
N VAL A 280 6.38 21.83 -34.43
CA VAL A 280 6.83 23.17 -34.79
C VAL A 280 8.35 23.25 -34.67
N PRO A 281 9.07 23.67 -35.71
CA PRO A 281 10.51 23.88 -35.54
C PRO A 281 10.76 24.95 -34.49
N HIS A 282 11.86 24.79 -33.77
CA HIS A 282 12.16 25.69 -32.67
C HIS A 282 13.65 25.98 -32.67
N ASP A 283 14.02 27.24 -32.46
CA ASP A 283 15.42 27.68 -32.38
C ASP A 283 15.88 27.62 -30.93
N ASP A 284 16.48 26.50 -30.54
CA ASP A 284 16.88 26.32 -29.15
C ASP A 284 18.00 27.27 -28.73
N ASP A 285 18.83 27.75 -29.67
CA ASP A 285 19.93 28.63 -29.26
C ASP A 285 19.49 30.07 -29.05
N ALA A 286 18.37 30.49 -29.65
CA ALA A 286 17.79 31.80 -29.39
C ALA A 286 16.87 31.82 -28.17
N ASN A 287 16.14 30.74 -27.89
CA ASN A 287 15.11 30.79 -26.84
C ASN A 287 15.30 29.80 -25.69
N GLY A 288 16.29 28.91 -25.76
CA GLY A 288 16.42 27.85 -24.80
C GLY A 288 15.39 26.75 -25.02
N VAL A 289 15.49 25.72 -24.18
CA VAL A 289 14.55 24.59 -24.16
C VAL A 289 13.87 24.59 -22.79
N GLU A 290 12.55 24.50 -22.77
CA GLU A 290 11.79 24.48 -21.52
C GLU A 290 11.87 23.09 -20.87
N PRO A 291 12.32 22.97 -19.61
CA PRO A 291 12.41 21.65 -18.97
C PRO A 291 11.07 21.18 -18.43
N PHE A 292 10.00 21.33 -19.20
CA PHE A 292 8.69 20.86 -18.71
C PHE A 292 7.74 20.74 -19.90
N THR A 293 6.67 19.99 -19.66
CA THR A 293 5.51 19.94 -20.53
C THR A 293 4.55 21.02 -20.09
N SER A 294 3.97 21.72 -21.06
CA SER A 294 2.96 22.73 -20.77
C SER A 294 1.58 22.19 -21.13
N ALA A 295 0.63 22.46 -20.26
CA ALA A 295 -0.76 22.09 -20.50
C ALA A 295 -1.55 23.40 -20.49
N ILE A 296 -1.89 23.87 -21.69
CA ILE A 296 -2.44 25.21 -21.90
C ILE A 296 -3.95 25.11 -22.05
N ALA A 297 -4.67 25.73 -21.14
CA ALA A 297 -6.12 25.68 -21.20
C ALA A 297 -6.66 26.46 -22.40
N MET A 298 -7.59 25.85 -23.12
CA MET A 298 -8.20 26.46 -24.30
C MET A 298 -9.68 26.68 -24.04
N LYS A 299 -10.40 27.20 -25.04
CA LYS A 299 -11.82 27.45 -24.81
C LYS A 299 -12.61 26.16 -24.73
N SER A 300 -12.18 25.13 -25.45
CA SER A 300 -12.93 23.87 -25.51
C SER A 300 -12.06 22.65 -25.23
N GLY A 301 -11.07 22.81 -24.37
CA GLY A 301 -10.15 21.73 -24.11
C GLY A 301 -8.82 22.28 -23.66
N TRP A 302 -7.71 21.68 -24.12
CA TRP A 302 -6.43 22.15 -23.65
C TRP A 302 -5.38 21.68 -24.62
N THR A 303 -4.24 22.37 -24.63
CA THR A 303 -3.19 22.16 -25.62
C THR A 303 -1.91 21.72 -24.95
N TRP A 304 -1.27 20.65 -25.46
CA TRP A 304 0.03 20.31 -24.89
C TRP A 304 1.15 21.00 -25.67
N LYS A 305 2.25 21.27 -24.97
CA LYS A 305 3.51 21.61 -25.62
C LYS A 305 4.60 20.73 -25.04
N ILE A 306 5.25 19.96 -25.90
CA ILE A 306 6.27 18.99 -25.49
C ILE A 306 7.59 19.37 -26.17
N PRO A 307 8.48 20.05 -25.46
CA PRO A 307 9.77 20.42 -26.04
C PRO A 307 10.63 19.21 -26.36
N MET A 308 11.29 19.27 -27.51
CA MET A 308 12.28 18.28 -27.93
C MET A 308 13.49 19.07 -28.48
N LEU A 309 14.40 18.39 -29.16
CA LEU A 309 15.59 19.10 -29.68
C LEU A 309 15.29 19.71 -31.04
N GLY A 310 15.40 21.03 -31.14
CA GLY A 310 15.14 21.71 -32.39
C GLY A 310 13.69 21.94 -32.72
N ARG A 311 12.77 21.51 -31.86
CA ARG A 311 11.37 21.49 -32.22
C ARG A 311 10.56 21.15 -30.98
N PHE A 312 9.27 21.40 -31.08
CA PHE A 312 8.36 20.94 -30.05
C PHE A 312 7.09 20.43 -30.71
N GLY A 313 6.49 19.46 -30.04
CA GLY A 313 5.24 18.88 -30.49
C GLY A 313 4.17 19.58 -29.68
N THR A 314 3.06 19.87 -30.32
CA THR A 314 1.95 20.47 -29.62
C THR A 314 0.68 19.90 -30.20
N GLY A 315 -0.32 19.69 -29.32
CA GLY A 315 -1.63 19.25 -29.76
C GLY A 315 -2.76 19.81 -28.91
N TYR A 316 -3.88 20.15 -29.55
CA TYR A 316 -5.07 20.68 -28.89
C TYR A 316 -6.03 19.52 -28.68
N VAL A 317 -6.20 19.11 -27.43
CA VAL A 317 -7.20 18.12 -27.07
C VAL A 317 -8.50 18.85 -26.78
N TYR A 318 -9.55 18.52 -27.51
CA TYR A 318 -10.82 19.23 -27.37
C TYR A 318 -12.00 18.28 -27.43
N SER A 319 -13.15 18.78 -26.95
CA SER A 319 -14.40 18.03 -26.97
C SER A 319 -15.20 18.30 -28.25
N SER A 320 -15.32 17.27 -29.09
CA SER A 320 -16.07 17.39 -30.34
C SER A 320 -17.47 17.94 -30.13
N ARG A 321 -18.00 17.84 -28.92
CA ARG A 321 -19.36 18.30 -28.63
C ARG A 321 -19.44 19.81 -28.39
N PHE A 322 -18.30 20.50 -28.18
CA PHE A 322 -18.28 21.95 -28.02
C PHE A 322 -17.43 22.66 -29.05
N ALA A 323 -16.76 21.94 -29.94
CA ALA A 323 -15.99 22.60 -30.99
C ALA A 323 -15.98 21.71 -32.21
N THR A 324 -16.28 22.26 -33.38
CA THR A 324 -16.08 21.44 -34.57
C THR A 324 -14.59 21.35 -34.87
N GLU A 325 -14.23 20.34 -35.66
CA GLU A 325 -12.83 20.19 -36.04
C GLU A 325 -12.29 21.46 -36.68
N ASP A 326 -13.10 22.15 -37.47
CA ASP A 326 -12.59 23.36 -38.12
C ASP A 326 -12.32 24.46 -37.12
N GLU A 327 -13.23 24.69 -36.18
CA GLU A 327 -12.97 25.66 -35.10
C GLU A 327 -11.75 25.26 -34.28
N ALA A 328 -11.60 23.97 -33.97
CA ALA A 328 -10.45 23.58 -33.17
C ALA A 328 -9.17 23.83 -33.94
N VAL A 329 -9.17 23.53 -35.23
CA VAL A 329 -7.98 23.76 -36.03
C VAL A 329 -7.64 25.24 -36.06
N ARG A 330 -8.66 26.08 -36.18
CA ARG A 330 -8.41 27.52 -36.22
C ARG A 330 -7.86 28.01 -34.88
N GLU A 331 -8.55 27.67 -33.77
CA GLU A 331 -8.04 28.02 -32.44
C GLU A 331 -6.61 27.53 -32.24
N PHE A 332 -6.34 26.30 -32.70
CA PHE A 332 -5.01 25.73 -32.51
C PHE A 332 -3.96 26.48 -33.35
N CYS A 333 -4.27 26.72 -34.62
CA CYS A 333 -3.29 27.40 -35.48
C CYS A 333 -3.12 28.85 -35.09
N GLU A 334 -4.22 29.54 -34.79
CA GLU A 334 -4.10 30.95 -34.41
C GLU A 334 -3.17 31.10 -33.21
N MET A 335 -3.21 30.14 -32.30
CA MET A 335 -2.41 30.21 -31.08
C MET A 335 -0.90 30.12 -31.35
N TRP A 336 -0.49 29.33 -32.34
CA TRP A 336 0.93 29.28 -32.70
C TRP A 336 1.24 30.07 -33.95
N HIS A 337 0.30 30.89 -34.44
CA HIS A 337 0.49 31.74 -35.62
C HIS A 337 0.85 30.92 -36.85
N LEU A 338 0.16 29.79 -36.99
CA LEU A 338 0.32 28.90 -38.13
C LEU A 338 -0.86 29.07 -39.08
N ASP A 339 -0.65 28.64 -40.32
CA ASP A 339 -1.62 28.69 -41.38
C ASP A 339 -2.61 27.53 -41.26
N PRO A 340 -3.88 27.82 -40.91
CA PRO A 340 -4.88 26.73 -40.81
C PRO A 340 -5.09 25.93 -42.09
N GLU A 341 -4.62 26.42 -43.25
CA GLU A 341 -4.83 25.76 -44.54
C GLU A 341 -3.66 24.87 -44.93
N THR A 342 -2.42 25.30 -44.68
CA THR A 342 -1.25 24.57 -45.16
C THR A 342 -0.41 23.95 -44.06
N GLN A 343 -0.73 24.19 -42.79
CA GLN A 343 0.05 23.59 -41.72
C GLN A 343 -0.18 22.08 -41.72
N PRO A 344 0.88 21.25 -41.83
CA PRO A 344 0.67 19.80 -41.69
C PRO A 344 0.11 19.43 -40.33
N LEU A 345 -1.17 19.01 -40.28
CA LEU A 345 -1.86 18.65 -39.05
C LEU A 345 -2.15 17.15 -38.99
N ASN A 346 -2.12 16.58 -37.79
CA ASN A 346 -2.76 15.29 -37.50
C ASN A 346 -4.13 15.55 -36.86
N ARG A 347 -5.20 15.10 -37.51
CA ARG A 347 -6.55 15.17 -36.91
C ARG A 347 -6.94 13.80 -36.36
N ILE A 348 -7.34 13.73 -35.08
CA ILE A 348 -7.61 12.46 -34.41
C ILE A 348 -8.94 12.54 -33.65
N ARG A 349 -9.67 11.42 -33.68
CA ARG A 349 -10.91 11.19 -32.92
C ARG A 349 -10.49 10.06 -31.98
N PHE A 350 -10.81 10.17 -30.70
CA PHE A 350 -10.32 9.30 -29.63
C PHE A 350 -11.40 8.35 -29.14
N ARG A 351 -10.97 7.16 -28.76
CA ARG A 351 -11.76 6.28 -27.89
C ARG A 351 -11.38 6.59 -26.45
N VAL A 352 -12.30 7.15 -25.67
CA VAL A 352 -12.01 7.46 -24.27
C VAL A 352 -12.75 6.48 -23.37
N GLY A 353 -12.00 5.74 -22.58
CA GLY A 353 -12.53 4.74 -21.69
C GLY A 353 -11.61 3.54 -21.67
N ARG A 354 -12.13 2.41 -21.19
CA ARG A 354 -11.35 1.19 -21.17
C ARG A 354 -12.25 0.01 -21.52
N ASN A 355 -11.62 -1.13 -21.84
CA ASN A 355 -12.38 -2.37 -22.00
C ASN A 355 -12.99 -2.80 -20.67
N ARG A 356 -14.14 -3.49 -20.74
CA ARG A 356 -14.71 -4.04 -19.51
C ARG A 356 -13.71 -4.92 -18.79
N ARG A 357 -12.90 -5.68 -19.55
CA ARG A 357 -11.81 -6.49 -19.01
C ARG A 357 -10.65 -6.42 -19.98
N ALA A 358 -9.44 -6.21 -19.48
CA ALA A 358 -8.33 -6.01 -20.39
C ALA A 358 -7.83 -7.31 -20.98
N TRP A 359 -7.89 -8.39 -20.20
CA TRP A 359 -7.41 -9.73 -20.57
C TRP A 359 -8.62 -10.64 -20.58
N VAL A 360 -8.88 -11.27 -21.72
CA VAL A 360 -9.99 -12.21 -21.87
C VAL A 360 -9.44 -13.44 -22.56
N GLY A 361 -9.85 -14.60 -22.09
CA GLY A 361 -9.31 -15.85 -22.60
C GLY A 361 -7.80 -15.80 -22.64
N ASN A 362 -7.23 -16.00 -23.82
CA ASN A 362 -5.79 -15.97 -24.01
C ASN A 362 -5.38 -14.73 -24.82
N CYS A 363 -6.09 -13.64 -24.59
CA CYS A 363 -5.94 -12.41 -25.35
C CYS A 363 -5.75 -11.28 -24.34
N VAL A 364 -4.55 -10.70 -24.31
CA VAL A 364 -4.25 -9.59 -23.40
C VAL A 364 -4.16 -8.32 -24.22
N SER A 365 -4.90 -7.30 -23.81
CA SER A 365 -4.78 -6.03 -24.52
C SER A 365 -3.78 -5.17 -23.76
N ILE A 366 -2.90 -4.51 -24.51
CA ILE A 366 -1.85 -3.63 -24.01
C ILE A 366 -1.88 -2.40 -24.87
N GLY A 367 -1.86 -1.22 -24.25
CA GLY A 367 -1.88 0.01 -25.03
C GLY A 367 -3.26 0.56 -25.27
N THR A 368 -3.45 1.31 -26.34
CA THR A 368 -4.76 1.94 -26.53
C THR A 368 -5.84 0.94 -26.91
N SER A 369 -5.48 -0.29 -27.29
CA SER A 369 -6.47 -1.34 -27.47
C SER A 369 -7.12 -1.70 -26.15
N SER A 370 -6.39 -1.50 -25.07
CA SER A 370 -6.87 -1.70 -23.72
C SER A 370 -7.62 -0.47 -23.25
N CYS A 371 -6.93 0.66 -23.10
CA CYS A 371 -7.58 1.86 -22.55
C CYS A 371 -6.93 3.12 -23.10
N PHE A 372 -7.69 4.21 -23.03
CA PHE A 372 -7.15 5.51 -23.42
C PHE A 372 -7.82 6.63 -22.63
N VAL A 373 -7.00 7.52 -22.13
CA VAL A 373 -7.45 8.76 -21.52
C VAL A 373 -6.54 9.85 -22.10
N GLU A 374 -7.07 11.07 -22.23
CA GLU A 374 -6.28 12.17 -22.79
C GLU A 374 -4.95 12.34 -22.05
N PRO A 375 -3.85 12.76 -22.72
CA PRO A 375 -2.53 12.70 -22.06
C PRO A 375 -2.21 13.85 -21.11
N LEU A 376 -3.21 14.31 -20.35
CA LEU A 376 -3.06 15.46 -19.46
C LEU A 376 -2.03 15.23 -18.37
N GLU A 377 -1.74 13.97 -18.04
CA GLU A 377 -0.75 13.69 -17.00
C GLU A 377 0.25 12.63 -17.43
N SER A 378 0.57 12.56 -18.71
CA SER A 378 1.69 11.75 -19.17
C SER A 378 1.57 10.30 -18.74
N THR A 379 0.44 9.67 -19.07
CA THR A 379 0.20 8.29 -18.65
C THR A 379 0.19 7.28 -19.80
N GLY A 380 0.02 7.71 -21.04
CA GLY A 380 0.03 6.83 -22.19
C GLY A 380 1.08 5.74 -22.19
N ILE A 381 2.36 6.13 -22.16
CA ILE A 381 3.43 5.13 -22.15
C ILE A 381 3.40 4.34 -20.85
N TYR A 382 3.13 5.01 -19.73
CA TYR A 382 3.08 4.31 -18.45
C TYR A 382 2.05 3.19 -18.45
N PHE A 383 0.85 3.45 -18.99
CA PHE A 383 -0.16 2.40 -19.10
C PHE A 383 0.39 1.18 -19.82
N VAL A 384 1.33 1.38 -20.75
CA VAL A 384 1.84 0.23 -21.50
C VAL A 384 2.73 -0.63 -20.62
N TYR A 385 3.77 -0.03 -20.01
CA TYR A 385 4.69 -0.86 -19.27
C TYR A 385 4.19 -1.21 -17.86
N ALA A 386 3.27 -0.43 -17.29
CA ALA A 386 2.51 -0.91 -16.13
C ALA A 386 1.80 -2.23 -16.44
N ALA A 387 1.04 -2.28 -17.54
CA ALA A 387 0.30 -3.48 -17.89
C ALA A 387 1.22 -4.67 -18.09
N LEU A 388 2.35 -4.47 -18.77
CA LEU A 388 3.28 -5.58 -18.99
C LEU A 388 3.91 -6.04 -17.69
N TYR A 389 4.26 -5.10 -16.81
CA TYR A 389 4.74 -5.53 -15.51
C TYR A 389 3.69 -6.40 -14.81
N GLN A 390 2.43 -5.97 -14.85
CA GLN A 390 1.35 -6.75 -14.28
C GLN A 390 1.12 -8.04 -15.06
N LEU A 391 1.34 -8.04 -16.38
CA LEU A 391 1.16 -9.26 -17.14
C LEU A 391 2.16 -10.32 -16.69
N VAL A 392 3.43 -9.93 -16.59
CA VAL A 392 4.44 -10.88 -16.15
C VAL A 392 4.17 -11.34 -14.72
N LYS A 393 3.87 -10.39 -13.82
CA LYS A 393 3.51 -10.76 -12.45
C LYS A 393 2.37 -11.77 -12.42
N HIS A 394 1.39 -11.62 -13.30
CA HIS A 394 0.28 -12.57 -13.38
C HIS A 394 0.44 -13.53 -14.55
N PHE A 395 1.66 -13.88 -14.90
CA PHE A 395 1.83 -14.63 -16.13
C PHE A 395 1.21 -16.03 -15.98
N PRO A 396 0.52 -16.52 -17.01
CA PRO A 396 -0.15 -17.81 -16.92
C PRO A 396 0.69 -18.92 -17.52
N ASP A 397 0.12 -20.11 -17.52
CA ASP A 397 0.51 -21.21 -18.39
C ASP A 397 -0.72 -21.58 -19.21
N LYS A 398 -0.62 -22.69 -19.96
CA LYS A 398 -1.67 -23.03 -20.91
C LYS A 398 -2.99 -23.31 -20.23
N SER A 399 -3.01 -23.54 -18.89
CA SER A 399 -4.28 -23.75 -18.20
C SER A 399 -5.04 -22.44 -17.96
N LEU A 400 -4.37 -21.28 -18.08
CA LEU A 400 -4.99 -19.95 -18.04
C LEU A 400 -5.90 -19.83 -16.82
N ASN A 401 -5.30 -20.05 -15.66
CA ASN A 401 -6.05 -20.03 -14.40
C ASN A 401 -6.81 -18.72 -14.27
N PRO A 402 -8.15 -18.77 -14.20
CA PRO A 402 -8.94 -17.52 -14.24
C PRO A 402 -8.57 -16.50 -13.16
N VAL A 403 -7.93 -16.93 -12.08
CA VAL A 403 -7.61 -16.00 -11.00
C VAL A 403 -6.52 -15.02 -11.43
N LEU A 404 -5.54 -15.51 -12.19
CA LEU A 404 -4.55 -14.62 -12.78
C LEU A 404 -5.22 -13.61 -13.69
N THR A 405 -6.11 -14.08 -14.57
CA THR A 405 -6.78 -13.17 -15.48
C THR A 405 -7.62 -12.15 -14.73
N ALA A 406 -8.31 -12.56 -13.71
CA ALA A 406 -9.10 -11.62 -12.94
C ALA A 406 -8.25 -10.63 -12.18
N ARG A 407 -7.16 -11.07 -11.58
CA ARG A 407 -6.31 -10.18 -10.83
C ARG A 407 -5.72 -9.14 -11.70
N PHE A 408 -5.23 -9.56 -12.84
CA PHE A 408 -4.70 -8.59 -13.79
C PHE A 408 -5.76 -7.58 -14.19
N ASN A 409 -6.95 -8.03 -14.50
CA ASN A 409 -7.96 -7.12 -14.92
C ASN A 409 -8.27 -6.10 -13.89
N ARG A 410 -8.25 -6.51 -12.64
CA ARG A 410 -8.51 -5.62 -11.55
C ARG A 410 -7.45 -4.56 -11.42
N GLU A 411 -6.20 -4.93 -11.57
CA GLU A 411 -5.14 -3.96 -11.50
C GLU A 411 -5.21 -2.98 -12.64
N ILE A 412 -5.48 -3.44 -13.85
CA ILE A 412 -5.58 -2.56 -15.00
C ILE A 412 -6.76 -1.61 -14.84
N GLU A 413 -7.80 -2.08 -14.17
CA GLU A 413 -9.04 -1.31 -14.01
C GLU A 413 -8.89 -0.16 -13.02
N THR A 414 -8.30 -0.42 -11.84
CA THR A 414 -8.11 0.72 -10.95
C THR A 414 -6.98 1.63 -11.44
N MET A 415 -5.96 1.08 -12.11
CA MET A 415 -4.92 1.94 -12.68
C MET A 415 -5.54 3.00 -13.58
N PHE A 416 -6.39 2.58 -14.50
CA PHE A 416 -7.05 3.51 -15.41
C PHE A 416 -8.08 4.37 -14.69
N ASP A 417 -8.95 3.76 -13.88
CA ASP A 417 -10.05 4.55 -13.31
C ASP A 417 -9.54 5.61 -12.34
N ASP A 418 -8.47 5.33 -11.58
CA ASP A 418 -7.92 6.37 -10.72
C ASP A 418 -7.38 7.53 -11.55
N THR A 419 -6.80 7.23 -12.72
CA THR A 419 -6.32 8.27 -13.61
C THR A 419 -7.47 9.05 -14.23
N ARG A 420 -8.46 8.35 -14.79
CA ARG A 420 -9.68 9.00 -15.23
C ARG A 420 -10.22 9.95 -14.15
N ASP A 421 -10.31 9.46 -12.91
CA ASP A 421 -10.79 10.27 -11.81
C ASP A 421 -9.91 11.49 -11.60
N PHE A 422 -8.59 11.29 -11.57
CA PHE A 422 -7.67 12.38 -11.34
C PHE A 422 -7.75 13.43 -12.45
N ILE A 423 -7.74 12.99 -13.70
CA ILE A 423 -7.78 13.91 -14.82
C ILE A 423 -9.09 14.69 -14.81
N GLN A 424 -10.20 14.02 -14.48
CA GLN A 424 -11.47 14.73 -14.43
C GLN A 424 -11.39 15.91 -13.46
N ALA A 425 -10.79 15.69 -12.29
CA ALA A 425 -10.67 16.75 -11.29
C ALA A 425 -10.05 18.04 -11.85
N HIS A 426 -9.12 17.93 -12.82
CA HIS A 426 -8.54 19.13 -13.43
C HIS A 426 -9.63 20.01 -14.04
N PHE A 427 -10.65 19.39 -14.63
CA PHE A 427 -11.69 20.18 -15.26
C PHE A 427 -12.80 20.55 -14.29
N TYR A 428 -13.13 19.61 -13.41
CA TYR A 428 -14.20 19.82 -12.45
C TYR A 428 -13.88 20.96 -11.49
N PHE A 429 -12.65 21.03 -11.05
CA PHE A 429 -12.26 22.03 -10.10
C PHE A 429 -11.64 23.27 -10.69
N SER A 430 -11.74 23.47 -11.98
CA SER A 430 -11.25 24.69 -12.57
C SER A 430 -12.32 25.71 -12.30
N PRO A 431 -11.84 26.94 -11.88
CA PRO A 431 -12.88 27.93 -11.62
C PRO A 431 -13.43 28.59 -12.87
N ARG A 432 -13.01 28.18 -14.04
CA ARG A 432 -13.44 28.84 -15.25
C ARG A 432 -14.91 28.61 -15.56
N THR A 433 -15.59 29.67 -16.02
CA THR A 433 -17.00 29.55 -16.40
C THR A 433 -17.30 30.21 -17.74
N ASP A 434 -16.27 30.48 -18.54
CA ASP A 434 -16.38 31.46 -19.60
C ASP A 434 -16.79 30.88 -20.94
N THR A 435 -16.70 29.56 -21.13
CA THR A 435 -17.11 28.91 -22.37
C THR A 435 -18.01 27.74 -22.04
N PRO A 436 -18.88 27.33 -22.98
CA PRO A 436 -19.79 26.21 -22.67
C PRO A 436 -19.04 24.97 -22.21
N PHE A 437 -17.81 24.76 -22.72
CA PHE A 437 -17.02 23.61 -22.31
C PHE A 437 -16.74 23.64 -20.81
N TRP A 438 -16.24 24.77 -20.29
CA TRP A 438 -15.82 24.77 -18.89
C TRP A 438 -17.03 24.70 -17.96
N ARG A 439 -18.15 25.29 -18.35
CA ARG A 439 -19.37 25.16 -17.54
C ARG A 439 -19.88 23.72 -17.56
N ALA A 440 -19.76 23.02 -18.70
CA ALA A 440 -20.29 21.67 -18.84
C ALA A 440 -19.50 20.65 -18.02
N ASN A 441 -18.22 20.85 -17.84
CA ASN A 441 -17.41 19.88 -17.12
C ASN A 441 -17.86 19.67 -15.71
N LYS A 442 -18.30 20.76 -15.17
CA LYS A 442 -18.82 20.94 -13.82
C LYS A 442 -20.18 20.34 -13.52
N GLU A 443 -20.83 19.93 -14.60
CA GLU A 443 -22.13 19.32 -14.58
C GLU A 443 -21.99 17.82 -14.52
N LEU A 444 -20.81 17.32 -14.82
CA LEU A 444 -20.53 15.92 -14.65
C LEU A 444 -20.50 15.58 -13.17
N ARG A 445 -20.70 14.31 -12.87
CA ARG A 445 -20.62 13.78 -11.53
C ARG A 445 -19.24 13.16 -11.38
N LEU A 446 -18.60 13.37 -10.22
CA LEU A 446 -17.38 12.64 -9.95
C LEU A 446 -17.71 11.21 -9.59
N ALA A 447 -16.79 10.29 -9.87
CA ALA A 447 -16.98 8.91 -9.42
C ALA A 447 -16.99 8.88 -7.90
N ASP A 448 -17.70 7.90 -7.33
CA ASP A 448 -17.80 7.79 -5.88
C ASP A 448 -16.43 7.76 -5.20
N GLY A 449 -15.49 6.99 -5.75
CA GLY A 449 -14.16 6.94 -5.15
C GLY A 449 -13.41 8.24 -5.26
N MET A 450 -13.77 9.08 -6.24
CA MET A 450 -13.14 10.39 -6.30
C MET A 450 -13.80 11.33 -5.29
N GLN A 451 -15.13 11.34 -5.24
CA GLN A 451 -15.82 12.22 -4.29
C GLN A 451 -15.36 11.97 -2.86
N GLU A 452 -15.07 10.72 -2.54
CA GLU A 452 -14.68 10.38 -1.18
C GLU A 452 -13.27 10.87 -0.89
N LYS A 453 -12.37 10.80 -1.87
CA LYS A 453 -11.07 11.44 -1.73
C LYS A 453 -11.21 12.96 -1.56
N ILE A 454 -12.09 13.61 -2.34
CA ILE A 454 -12.27 15.05 -2.17
C ILE A 454 -12.75 15.38 -0.77
N ASP A 455 -13.74 14.63 -0.26
CA ASP A 455 -14.19 14.84 1.12
C ASP A 455 -13.03 14.77 2.11
N MET A 456 -12.15 13.77 1.96
CA MET A 456 -10.98 13.70 2.83
C MET A 456 -10.14 14.95 2.71
N TYR A 457 -9.80 15.33 1.47
CA TYR A 457 -8.99 16.53 1.23
C TYR A 457 -9.59 17.76 1.89
N ARG A 458 -10.90 17.92 1.81
CA ARG A 458 -11.56 19.09 2.39
C ARG A 458 -11.55 19.04 3.90
N ALA A 459 -11.44 17.85 4.46
CA ALA A 459 -11.42 17.68 5.89
C ALA A 459 -10.03 17.82 6.44
N GLY A 460 -9.06 18.08 5.58
CA GLY A 460 -7.72 18.38 6.03
C GLY A 460 -6.77 17.22 6.00
N MET A 461 -7.21 16.03 5.56
CA MET A 461 -6.34 14.85 5.52
C MET A 461 -5.56 14.75 4.21
N ALA A 462 -4.47 13.98 4.28
CA ALA A 462 -3.73 13.60 3.10
C ALA A 462 -4.58 12.67 2.23
N ILE A 463 -4.32 12.66 0.91
CA ILE A 463 -4.91 11.69 -0.01
C ILE A 463 -3.81 10.77 -0.50
N ASN A 464 -3.89 9.47 -0.16
CA ASN A 464 -2.87 8.50 -0.59
C ASN A 464 -1.47 9.02 -0.29
N ALA A 465 -1.27 9.48 0.93
CA ALA A 465 0.05 9.91 1.33
C ALA A 465 1.02 8.73 1.22
N PRO A 466 2.19 8.92 0.62
CA PRO A 466 3.15 7.81 0.56
C PRO A 466 3.62 7.40 1.95
N ALA A 467 3.99 6.12 2.09
CA ALA A 467 4.43 5.62 3.39
C ALA A 467 5.72 6.29 3.82
N SER A 468 6.63 6.43 2.87
CA SER A 468 7.90 7.11 3.05
C SER A 468 7.88 8.36 2.19
N ASP A 469 8.72 9.33 2.54
CA ASP A 469 8.91 10.50 1.68
C ASP A 469 10.22 10.41 0.91
N ASP A 470 10.82 9.22 0.83
CA ASP A 470 12.06 9.01 0.08
C ASP A 470 11.70 8.76 -1.38
N ALA A 471 12.13 9.67 -2.28
CA ALA A 471 11.70 9.58 -3.67
C ALA A 471 12.43 8.49 -4.44
N GLN A 472 13.59 8.05 -3.95
CA GLN A 472 14.25 6.92 -4.59
C GLN A 472 13.50 5.64 -4.33
N LEU A 473 13.11 5.40 -3.07
CA LEU A 473 12.22 4.29 -2.78
C LEU A 473 10.96 4.37 -3.65
N TYR A 474 10.44 5.58 -3.85
CA TYR A 474 9.18 5.70 -4.57
C TYR A 474 9.38 5.43 -6.06
N TYR A 475 10.17 6.27 -6.73
CA TYR A 475 10.39 6.10 -8.18
C TYR A 475 11.31 4.96 -8.52
N GLY A 476 12.02 4.38 -7.56
CA GLY A 476 12.88 3.25 -7.84
C GLY A 476 12.27 1.86 -7.63
N ASN A 477 11.10 1.79 -6.99
CA ASN A 477 10.44 0.53 -6.67
C ASN A 477 9.05 0.54 -7.30
N PHE A 478 8.83 -0.26 -8.33
CA PHE A 478 7.61 -0.11 -9.11
C PHE A 478 6.38 -0.46 -8.29
N GLU A 479 6.45 -1.48 -7.43
CA GLU A 479 5.26 -1.84 -6.67
C GLU A 479 4.92 -0.77 -5.64
N GLU A 480 5.94 -0.18 -5.03
CA GLU A 480 5.68 0.94 -4.14
C GLU A 480 4.96 2.06 -4.87
N GLU A 481 5.42 2.41 -6.07
CA GLU A 481 4.76 3.49 -6.80
C GLU A 481 3.43 3.06 -7.39
N PHE A 482 3.30 1.81 -7.84
CA PHE A 482 2.02 1.37 -8.38
C PHE A 482 0.92 1.43 -7.31
N ARG A 483 1.21 0.90 -6.11
CA ARG A 483 0.26 0.84 -5.01
C ARG A 483 -0.14 2.21 -4.50
N ASN A 484 0.46 3.27 -5.03
CA ASN A 484 0.23 4.60 -4.51
C ASN A 484 0.56 5.62 -5.60
N PHE A 485 -0.12 5.51 -6.72
CA PHE A 485 0.38 6.18 -7.91
C PHE A 485 0.08 7.66 -7.88
N TRP A 486 -1.15 8.02 -7.54
CA TRP A 486 -1.54 9.41 -7.36
C TRP A 486 -1.50 9.68 -5.86
N ASN A 487 -0.38 10.22 -5.40
CA ASN A 487 -0.19 10.39 -3.98
C ASN A 487 -0.52 11.82 -3.56
N ASN A 488 -0.43 12.08 -2.25
CA ASN A 488 -0.87 13.35 -1.68
C ASN A 488 -0.21 14.55 -2.36
N SER A 489 1.06 14.42 -2.76
CA SER A 489 1.77 15.51 -3.44
C SER A 489 1.08 15.90 -4.74
N SER A 490 0.68 14.90 -5.54
CA SER A 490 -0.02 15.19 -6.79
C SER A 490 -1.37 15.83 -6.54
N TYR A 491 -2.16 15.29 -5.61
CA TYR A 491 -3.47 15.86 -5.35
C TYR A 491 -3.34 17.32 -4.95
N TYR A 492 -2.44 17.62 -4.02
CA TYR A 492 -2.25 19.01 -3.68
C TYR A 492 -1.82 19.84 -4.89
N CYS A 493 -0.88 19.32 -5.69
CA CYS A 493 -0.39 20.11 -6.82
C CYS A 493 -1.54 20.57 -7.71
N VAL A 494 -2.39 19.62 -8.09
CA VAL A 494 -3.51 19.93 -8.96
C VAL A 494 -4.62 20.65 -8.21
N LEU A 495 -5.03 20.12 -7.05
CA LEU A 495 -6.20 20.69 -6.40
C LEU A 495 -5.91 22.07 -5.85
N ALA A 496 -4.83 22.20 -5.08
CA ALA A 496 -4.46 23.52 -4.55
C ALA A 496 -4.12 24.46 -5.69
N GLY A 497 -3.44 23.96 -6.73
CA GLY A 497 -3.15 24.78 -7.89
C GLY A 497 -4.41 25.40 -8.46
N LEU A 498 -5.40 24.57 -8.78
CA LEU A 498 -6.66 25.06 -9.30
C LEU A 498 -7.39 25.95 -8.32
N GLY A 499 -7.04 25.93 -7.02
CA GLY A 499 -7.71 26.73 -6.01
C GLY A 499 -8.69 26.00 -5.09
N LEU A 500 -8.91 24.70 -5.26
CA LEU A 500 -9.68 23.94 -4.28
C LEU A 500 -8.78 23.60 -3.09
N VAL A 501 -9.13 24.13 -1.91
CA VAL A 501 -8.32 23.97 -0.71
C VAL A 501 -9.23 23.48 0.42
N PRO A 502 -8.65 22.95 1.49
CA PRO A 502 -9.51 22.37 2.54
C PRO A 502 -10.33 23.44 3.25
N ASP A 503 -11.42 23.00 3.88
CA ASP A 503 -12.27 23.94 4.60
C ASP A 503 -11.63 24.48 5.86
N ALA A 504 -10.62 23.78 6.38
CA ALA A 504 -9.95 24.21 7.61
C ALA A 504 -8.72 23.35 7.78
N PRO A 505 -7.75 23.80 8.54
CA PRO A 505 -6.50 23.05 8.66
C PRO A 505 -6.73 21.73 9.35
N SER A 506 -5.76 20.84 9.21
CA SER A 506 -5.78 19.59 9.94
C SER A 506 -5.89 19.87 11.44
N PRO A 507 -6.88 19.30 12.12
CA PRO A 507 -7.05 19.60 13.55
C PRO A 507 -5.90 19.13 14.45
N ARG A 508 -5.05 18.21 14.00
CA ARG A 508 -3.90 17.85 14.82
C ARG A 508 -2.96 19.03 15.01
N LEU A 509 -2.87 19.91 14.01
CA LEU A 509 -1.86 20.97 14.06
C LEU A 509 -2.10 21.93 15.23
N ALA A 510 -3.35 22.14 15.63
CA ALA A 510 -3.62 22.90 16.83
C ALA A 510 -2.99 22.24 18.07
N HIS A 511 -2.84 20.92 18.05
CA HIS A 511 -2.23 20.21 19.17
C HIS A 511 -0.74 20.00 19.00
N MET A 512 -0.11 20.73 18.10
CA MET A 512 1.29 20.52 17.78
C MET A 512 2.01 21.85 17.68
N PRO A 513 2.01 22.61 18.76
CA PRO A 513 2.54 23.98 18.69
C PRO A 513 4.02 24.02 18.37
N GLN A 514 4.76 22.96 18.68
CA GLN A 514 6.17 22.98 18.34
C GLN A 514 6.43 22.51 16.92
N ALA A 515 5.56 21.67 16.37
CA ALA A 515 5.71 21.29 14.96
C ALA A 515 5.43 22.46 14.03
N THR A 516 4.33 23.19 14.26
CA THR A 516 4.04 24.33 13.42
C THR A 516 5.02 25.49 13.59
N GLU A 517 5.86 25.45 14.63
CA GLU A 517 6.89 26.49 14.66
C GLU A 517 8.20 26.01 14.05
N SER A 518 8.64 24.78 14.40
CA SER A 518 9.85 24.26 13.80
C SER A 518 9.70 23.97 12.30
N VAL A 519 8.48 24.05 11.75
CA VAL A 519 8.30 23.79 10.33
C VAL A 519 8.83 24.94 9.49
N ASP A 520 8.99 26.14 10.08
CA ASP A 520 9.52 27.25 9.31
C ASP A 520 10.92 26.95 8.78
N GLU A 521 11.71 26.17 9.52
CA GLU A 521 13.05 25.89 9.04
C GLU A 521 13.04 24.95 7.86
N VAL A 522 11.93 24.23 7.63
CA VAL A 522 11.78 23.36 6.47
C VAL A 522 11.39 24.16 5.23
N PHE A 523 10.41 25.07 5.34
CA PHE A 523 10.11 25.99 4.24
C PHE A 523 11.34 26.83 3.87
N GLY A 524 12.09 27.30 4.87
CA GLY A 524 13.29 28.06 4.59
C GLY A 524 14.36 27.22 3.92
N ALA A 525 14.38 25.91 4.18
CA ALA A 525 15.28 25.05 3.42
C ALA A 525 14.90 25.01 1.95
N VAL A 526 13.60 24.90 1.65
CA VAL A 526 13.15 24.93 0.26
C VAL A 526 13.58 26.23 -0.40
N LYS A 527 13.47 27.34 0.32
CA LYS A 527 13.84 28.65 -0.23
C LYS A 527 15.33 28.73 -0.45
N ASP A 528 16.13 28.14 0.45
CA ASP A 528 17.58 28.17 0.24
C ASP A 528 17.95 27.37 -1.00
N ARG A 529 17.28 26.23 -1.20
CA ARG A 529 17.51 25.43 -2.41
C ARG A 529 17.05 26.18 -3.65
N GLN A 530 15.87 26.81 -3.59
CA GLN A 530 15.43 27.63 -4.70
C GLN A 530 16.50 28.63 -5.07
N ARG A 531 16.96 29.41 -4.09
CA ARG A 531 17.92 30.47 -4.40
C ARG A 531 19.25 29.90 -4.87
N ASN A 532 19.75 28.83 -4.25
CA ASN A 532 21.07 28.30 -4.60
C ASN A 532 21.05 27.59 -5.94
N LEU A 533 20.01 26.80 -6.21
CA LEU A 533 19.95 26.12 -7.50
C LEU A 533 19.76 27.11 -8.64
N LEU A 534 19.01 28.18 -8.42
CA LEU A 534 18.82 29.18 -9.46
C LEU A 534 20.13 29.87 -9.84
N GLU A 535 21.07 30.03 -8.89
CA GLU A 535 22.36 30.67 -9.17
C GLU A 535 23.39 29.75 -9.80
N THR A 536 23.34 28.43 -9.54
CA THR A 536 24.39 27.51 -9.97
C THR A 536 23.96 26.55 -11.08
N LEU A 537 22.64 26.50 -11.44
CA LEU A 537 22.41 25.45 -12.43
C LEU A 537 22.57 26.00 -13.84
N PRO A 538 23.06 25.19 -14.78
CA PRO A 538 22.99 25.59 -16.18
C PRO A 538 21.55 25.58 -16.65
N SER A 539 21.31 26.30 -17.74
CA SER A 539 20.02 26.18 -18.42
C SER A 539 19.93 24.81 -19.09
N LEU A 540 18.69 24.32 -19.28
CA LEU A 540 18.52 23.02 -19.94
C LEU A 540 19.22 22.99 -21.29
N HIS A 541 19.17 24.09 -22.04
CA HIS A 541 19.83 24.08 -23.36
C HIS A 541 21.35 23.93 -23.21
N GLU A 542 21.97 24.78 -22.39
CA GLU A 542 23.41 24.62 -22.09
C GLU A 542 23.75 23.18 -21.73
N PHE A 543 22.87 22.48 -21.00
CA PHE A 543 23.20 21.11 -20.63
C PHE A 543 23.08 20.17 -21.84
N LEU A 544 22.04 20.36 -22.62
CA LEU A 544 21.86 19.53 -23.78
C LEU A 544 22.97 19.69 -24.79
N ARG A 545 23.50 20.89 -24.95
CA ARG A 545 24.56 21.09 -25.89
C ARG A 545 25.78 20.32 -25.51
N GLN A 546 26.15 20.37 -24.25
CA GLN A 546 27.34 19.66 -23.87
C GLN A 546 27.21 18.19 -24.08
N GLN A 547 26.05 17.64 -23.83
CA GLN A 547 25.92 16.22 -24.01
C GLN A 547 26.30 15.91 -25.43
N HIS A 548 25.89 16.75 -26.36
CA HIS A 548 26.24 16.54 -27.75
C HIS A 548 26.02 17.79 -28.56
N SER B 22 -17.34 24.31 17.89
CA SER B 22 -16.39 25.40 17.63
C SER B 22 -15.12 25.34 18.55
N GLY B 23 -13.95 25.23 17.92
CA GLY B 23 -12.67 25.21 18.59
C GLY B 23 -12.09 23.80 18.73
N LYS B 24 -10.86 23.76 19.24
CA LYS B 24 -10.16 22.50 19.40
C LYS B 24 -10.71 21.70 20.59
N ILE B 25 -10.32 20.43 20.66
CA ILE B 25 -10.64 19.58 21.80
C ILE B 25 -9.81 20.08 22.99
N ASP B 26 -10.48 20.38 24.10
CA ASP B 26 -9.81 20.87 25.31
C ASP B 26 -9.63 19.79 26.37
N LYS B 27 -10.66 18.96 26.57
CA LYS B 27 -10.68 17.98 27.65
C LYS B 27 -11.07 16.62 27.11
N ILE B 28 -10.26 15.62 27.44
CA ILE B 28 -10.52 14.21 27.12
C ILE B 28 -10.77 13.45 28.41
N LEU B 29 -11.76 12.57 28.40
CA LEU B 29 -12.00 11.66 29.49
C LEU B 29 -11.87 10.23 28.97
N ILE B 30 -10.96 9.46 29.57
CA ILE B 30 -10.79 8.04 29.28
C ILE B 30 -11.50 7.23 30.36
N VAL B 31 -12.42 6.36 29.97
CA VAL B 31 -13.12 5.54 30.96
C VAL B 31 -12.55 4.13 30.91
N GLY B 32 -11.89 3.73 31.99
CA GLY B 32 -11.24 2.42 31.99
C GLY B 32 -9.75 2.60 32.18
N GLY B 33 -9.19 1.85 33.13
CA GLY B 33 -7.77 1.95 33.36
C GLY B 33 -7.05 0.61 33.34
N GLY B 34 -7.52 -0.31 32.52
CA GLY B 34 -6.74 -1.52 32.30
C GLY B 34 -5.52 -1.22 31.46
N THR B 35 -5.13 -2.15 30.60
CA THR B 35 -4.04 -1.88 29.67
C THR B 35 -4.46 -0.89 28.59
N ALA B 36 -5.67 -1.03 28.05
CA ALA B 36 -6.08 -0.11 26.99
C ALA B 36 -6.09 1.33 27.49
N GLY B 37 -6.65 1.57 28.68
CA GLY B 37 -6.78 2.94 29.18
C GLY B 37 -5.44 3.63 29.34
N TRP B 38 -4.48 2.97 29.99
CA TRP B 38 -3.20 3.61 30.25
C TRP B 38 -2.37 3.82 28.98
N MET B 39 -2.45 2.92 27.99
CA MET B 39 -1.85 3.25 26.70
C MET B 39 -2.53 4.45 26.09
N ALA B 40 -3.86 4.49 26.13
CA ALA B 40 -4.58 5.63 25.58
C ALA B 40 -4.16 6.93 26.27
N ALA B 41 -4.08 6.90 27.60
CA ALA B 41 -3.59 8.05 28.35
C ALA B 41 -2.18 8.43 27.94
N SER B 42 -1.25 7.47 27.93
CA SER B 42 0.11 7.75 27.53
C SER B 42 0.17 8.32 26.13
N TYR B 43 -0.31 7.54 25.15
CA TYR B 43 -0.23 7.97 23.76
C TYR B 43 -0.92 9.31 23.54
N LEU B 44 -2.18 9.44 23.95
CA LEU B 44 -2.84 10.73 23.78
C LEU B 44 -2.17 11.82 24.60
N GLY B 45 -1.79 11.51 25.85
CA GLY B 45 -1.13 12.51 26.68
C GLY B 45 0.17 13.01 26.07
N LYS B 46 0.90 12.12 25.41
CA LYS B 46 2.14 12.52 24.73
C LYS B 46 1.85 13.24 23.42
N ALA B 47 0.82 12.84 22.70
CA ALA B 47 0.57 13.42 21.38
C ALA B 47 -0.11 14.77 21.48
N LEU B 48 -0.75 15.07 22.61
CA LEU B 48 -1.41 16.35 22.80
C LEU B 48 -0.78 17.16 23.92
N GLN B 49 0.49 16.90 24.26
CA GLN B 49 1.06 17.47 25.46
C GLN B 49 0.88 18.98 25.48
N GLY B 50 0.30 19.47 26.57
CA GLY B 50 0.08 20.88 26.76
C GLY B 50 -1.07 21.48 25.99
N THR B 51 -1.78 20.69 25.19
CA THR B 51 -2.88 21.20 24.40
C THR B 51 -4.19 20.50 24.70
N ALA B 52 -4.23 19.65 25.73
CA ALA B 52 -5.47 19.01 26.15
C ALA B 52 -5.29 18.45 27.56
N ASP B 53 -6.35 18.56 28.38
CA ASP B 53 -6.35 18.02 29.72
C ASP B 53 -6.98 16.63 29.69
N ILE B 54 -6.24 15.64 30.19
CA ILE B 54 -6.67 14.24 30.14
C ILE B 54 -6.91 13.75 31.56
N THR B 55 -8.08 13.16 31.77
CA THR B 55 -8.47 12.51 33.03
C THR B 55 -8.84 11.07 32.71
N LEU B 56 -8.29 10.12 33.47
CA LEU B 56 -8.67 8.71 33.34
C LEU B 56 -9.44 8.29 34.58
N LEU B 57 -10.56 7.63 34.36
CA LEU B 57 -11.48 7.27 35.43
C LEU B 57 -11.48 5.75 35.51
N GLN B 58 -11.12 5.18 36.65
CA GLN B 58 -11.00 3.73 36.70
C GLN B 58 -11.47 3.16 38.03
N ALA B 59 -12.23 2.08 37.95
CA ALA B 59 -12.92 1.58 39.12
C ALA B 59 -12.13 0.48 39.81
N PRO B 60 -12.35 0.30 41.11
CA PRO B 60 -11.80 -0.89 41.78
C PRO B 60 -12.47 -2.18 41.31
N ASP B 61 -11.76 -2.99 40.52
CA ASP B 61 -12.26 -4.29 40.08
C ASP B 61 -11.40 -5.39 40.69
N ILE B 62 -11.95 -6.60 40.71
CA ILE B 62 -11.20 -7.79 41.10
C ILE B 62 -10.17 -8.04 40.01
N PRO B 63 -8.87 -8.02 40.34
CA PRO B 63 -7.85 -8.22 39.31
C PRO B 63 -7.77 -9.68 38.89
N THR B 64 -7.15 -9.89 37.74
CA THR B 64 -6.94 -11.21 37.17
C THR B 64 -5.50 -11.66 37.39
N LEU B 65 -5.29 -12.97 37.29
CA LEU B 65 -3.94 -13.51 37.19
C LEU B 65 -3.23 -12.94 35.97
N GLY B 66 -1.92 -12.74 36.11
CA GLY B 66 -1.10 -12.28 35.01
C GLY B 66 -0.84 -13.41 34.04
N VAL B 67 -1.73 -13.59 33.06
CA VAL B 67 -1.69 -14.75 32.19
C VAL B 67 -0.78 -14.52 30.99
N GLY B 68 -0.15 -13.36 30.89
CA GLY B 68 0.89 -13.14 29.92
C GLY B 68 0.36 -12.59 28.60
N GLU B 69 1.23 -11.90 27.87
CA GLU B 69 0.84 -11.34 26.58
C GLU B 69 1.98 -11.21 25.57
N ALA B 70 1.76 -11.76 24.38
CA ALA B 70 2.76 -11.72 23.30
C ALA B 70 2.50 -10.49 22.43
N THR B 71 3.56 -9.95 21.87
CA THR B 71 3.48 -8.72 21.11
C THR B 71 4.20 -8.83 19.78
N ILE B 72 4.32 -7.73 19.05
CA ILE B 72 4.94 -7.73 17.73
C ILE B 72 5.88 -6.54 17.65
N PRO B 73 6.88 -6.59 16.77
CA PRO B 73 8.00 -5.66 16.91
C PRO B 73 7.62 -4.19 16.86
N ASN B 74 6.54 -3.82 16.19
CA ASN B 74 6.31 -2.40 16.13
C ASN B 74 5.77 -1.82 17.46
N LEU B 75 5.56 -2.67 18.46
CA LEU B 75 5.30 -2.17 19.81
C LEU B 75 6.36 -1.18 20.24
N GLN B 76 7.63 -1.45 19.91
CA GLN B 76 8.69 -0.51 20.26
C GLN B 76 8.68 0.70 19.32
N THR B 77 8.51 0.47 18.01
CA THR B 77 8.74 1.56 17.07
C THR B 77 7.54 2.46 16.92
N ALA B 78 6.33 1.95 17.13
CA ALA B 78 5.13 2.73 16.96
C ALA B 78 4.53 3.20 18.30
N PHE B 79 4.91 2.61 19.42
CA PHE B 79 4.33 2.98 20.72
C PHE B 79 5.38 3.51 21.70
N PHE B 80 6.31 2.68 22.18
CA PHE B 80 7.24 3.19 23.20
C PHE B 80 8.15 4.27 22.62
N ASP B 81 8.65 4.09 21.39
CA ASP B 81 9.45 5.13 20.77
C ASP B 81 8.68 6.43 20.62
N PHE B 82 7.37 6.32 20.36
CA PHE B 82 6.55 7.52 20.31
C PHE B 82 6.54 8.22 21.66
N LEU B 83 6.41 7.46 22.74
CA LEU B 83 6.44 8.02 24.08
C LEU B 83 7.83 8.49 24.50
N GLY B 84 8.87 8.14 23.74
CA GLY B 84 10.21 8.47 24.16
C GLY B 84 10.79 7.52 25.19
N ILE B 85 10.18 6.36 25.37
CA ILE B 85 10.61 5.39 26.38
C ILE B 85 11.47 4.35 25.69
N PRO B 86 12.79 4.32 25.92
CA PRO B 86 13.64 3.31 25.29
C PRO B 86 13.35 1.89 25.78
N GLU B 87 13.67 0.93 24.91
CA GLU B 87 13.30 -0.46 25.15
C GLU B 87 13.88 -1.02 26.44
N ASP B 88 15.07 -0.58 26.85
CA ASP B 88 15.69 -1.21 28.01
C ASP B 88 15.02 -0.77 29.31
N GLU B 89 14.50 0.46 29.33
CA GLU B 89 13.87 0.99 30.54
C GLU B 89 12.58 0.24 30.87
N TRP B 90 11.68 0.10 29.88
CA TRP B 90 10.40 -0.55 30.15
C TRP B 90 10.50 -2.07 30.23
N MET B 91 11.51 -2.68 29.61
CA MET B 91 11.66 -4.13 29.72
C MET B 91 12.06 -4.54 31.13
N ARG B 92 13.10 -3.91 31.69
CA ARG B 92 13.57 -4.30 33.02
C ARG B 92 12.49 -4.07 34.07
N GLU B 93 11.69 -3.03 33.91
CA GLU B 93 10.64 -2.77 34.89
C GLU B 93 9.45 -3.70 34.78
N CYS B 94 9.27 -4.37 33.64
CA CYS B 94 8.09 -5.22 33.42
C CYS B 94 8.44 -6.70 33.25
N ASN B 95 9.66 -7.09 33.59
CA ASN B 95 10.07 -8.50 33.61
C ASN B 95 9.73 -9.18 32.29
N ALA B 96 10.12 -8.52 31.20
CA ALA B 96 9.75 -8.97 29.87
C ALA B 96 10.83 -9.87 29.29
N SER B 97 10.42 -10.94 28.62
CA SER B 97 11.28 -11.82 27.85
C SER B 97 11.05 -11.56 26.36
N TYR B 98 11.77 -12.28 25.49
CA TYR B 98 11.86 -11.96 24.06
C TYR B 98 11.06 -12.94 23.22
N LYS B 99 10.43 -12.45 22.16
CA LYS B 99 9.62 -13.30 21.29
C LYS B 99 10.11 -13.18 19.85
N VAL B 100 10.59 -14.30 19.29
CA VAL B 100 11.10 -14.34 17.92
C VAL B 100 10.08 -14.89 16.94
N ALA B 101 9.07 -15.63 17.42
CA ALA B 101 8.11 -16.31 16.57
C ALA B 101 6.99 -16.85 17.44
N ILE B 102 5.93 -17.33 16.79
CA ILE B 102 4.94 -18.23 17.37
C ILE B 102 5.17 -19.64 16.84
N LYS B 103 5.28 -20.61 17.75
CA LYS B 103 5.41 -22.02 17.40
C LYS B 103 4.07 -22.72 17.47
N PHE B 104 3.60 -23.22 16.34
CA PHE B 104 2.34 -23.94 16.23
C PHE B 104 2.60 -25.43 16.40
N ILE B 105 2.00 -26.04 17.43
CA ILE B 105 2.27 -27.43 17.80
C ILE B 105 1.01 -28.26 17.67
N ASN B 106 1.10 -29.39 16.95
CA ASN B 106 0.04 -30.41 16.86
C ASN B 106 -1.21 -29.90 16.14
N TRP B 107 -1.02 -28.97 15.19
CA TRP B 107 -2.12 -28.51 14.37
C TRP B 107 -2.44 -29.47 13.23
N ARG B 108 -1.59 -30.48 13.01
CA ARG B 108 -1.71 -31.36 11.87
C ARG B 108 -1.89 -32.82 12.24
N THR B 109 -1.95 -33.14 13.53
CA THR B 109 -1.98 -34.54 13.98
C THR B 109 -3.07 -34.69 15.02
N ALA B 110 -3.81 -35.81 14.93
CA ALA B 110 -4.90 -36.07 15.87
C ALA B 110 -4.35 -36.43 17.25
N GLY B 111 -5.15 -36.19 18.27
CA GLY B 111 -4.77 -36.61 19.61
C GLY B 111 -5.23 -35.64 20.67
N GLU B 112 -4.86 -35.98 21.90
CA GLU B 112 -5.23 -35.16 23.04
C GLU B 112 -4.36 -33.92 23.11
N GLY B 113 -4.78 -32.97 23.94
CA GLY B 113 -4.01 -31.77 24.16
C GLY B 113 -2.79 -32.07 24.99
N THR B 114 -1.61 -32.00 24.38
CA THR B 114 -0.34 -32.25 25.04
C THR B 114 0.64 -31.16 24.65
N SER B 115 1.59 -30.88 25.54
CA SER B 115 2.59 -29.86 25.25
C SER B 115 3.70 -30.38 24.37
N GLU B 116 3.75 -31.68 24.13
CA GLU B 116 4.83 -32.30 23.37
C GLU B 116 4.36 -32.50 21.95
N ALA B 117 5.16 -32.02 21.01
CA ALA B 117 4.84 -32.22 19.60
C ALA B 117 4.73 -33.70 19.27
N ARG B 118 3.62 -34.09 18.65
CA ARG B 118 3.48 -35.42 18.06
C ARG B 118 4.39 -35.56 16.83
N GLU B 119 4.45 -36.77 16.29
CA GLU B 119 5.35 -37.07 15.18
C GLU B 119 4.60 -37.06 13.86
N LEU B 120 5.22 -36.47 12.85
CA LEU B 120 4.61 -36.25 11.55
C LEU B 120 5.70 -36.28 10.50
N ASP B 121 5.58 -37.21 9.54
CA ASP B 121 6.55 -37.36 8.45
C ASP B 121 7.97 -37.33 8.98
N GLY B 122 8.26 -38.24 9.91
CA GLY B 122 9.61 -38.36 10.45
C GLY B 122 10.16 -37.10 11.09
N GLY B 123 9.28 -36.19 11.53
CA GLY B 123 9.68 -35.01 12.27
C GLY B 123 8.62 -34.62 13.30
N PRO B 124 8.96 -33.68 14.17
CA PRO B 124 7.94 -33.15 15.10
C PRO B 124 6.90 -32.29 14.38
N ASP B 125 5.66 -32.37 14.87
CA ASP B 125 4.55 -31.60 14.30
C ASP B 125 4.54 -30.17 14.86
N HIS B 126 5.54 -29.40 14.45
CA HIS B 126 5.47 -27.97 14.68
C HIS B 126 5.87 -27.22 13.41
N PHE B 127 5.55 -25.92 13.42
CA PHE B 127 6.07 -25.01 12.43
C PHE B 127 6.07 -23.62 13.04
N TYR B 128 6.82 -22.72 12.43
CA TYR B 128 6.99 -21.40 13.03
C TYR B 128 6.43 -20.30 12.13
N HIS B 129 5.96 -19.24 12.78
CA HIS B 129 5.60 -18.00 12.11
C HIS B 129 6.58 -16.95 12.67
N SER B 130 7.62 -16.60 11.90
CA SER B 130 8.64 -15.68 12.37
C SER B 130 8.32 -14.25 11.96
N PHE B 131 9.16 -13.32 12.42
CA PHE B 131 8.97 -11.91 12.12
C PHE B 131 9.74 -11.42 10.91
N GLY B 132 10.62 -12.24 10.33
CA GLY B 132 11.34 -11.80 9.14
C GLY B 132 10.42 -11.53 7.94
N LEU B 133 11.02 -10.93 6.91
CA LEU B 133 10.40 -10.92 5.58
C LEU B 133 11.21 -11.80 4.63
N LEU B 134 10.49 -12.53 3.78
CA LEU B 134 11.16 -13.37 2.81
C LEU B 134 12.01 -12.51 1.90
N LYS B 135 13.27 -12.91 1.70
CA LYS B 135 14.08 -12.18 0.73
C LYS B 135 13.43 -12.31 -0.65
N TYR B 136 13.46 -11.23 -1.42
CA TYR B 136 13.14 -11.31 -2.84
C TYR B 136 14.35 -11.85 -3.60
N HIS B 137 14.08 -12.66 -4.62
CA HIS B 137 15.10 -13.06 -5.59
C HIS B 137 14.51 -12.86 -6.99
N GLU B 138 15.03 -11.86 -7.71
CA GLU B 138 14.52 -11.52 -9.04
C GLU B 138 13.05 -11.12 -9.00
N GLN B 139 12.72 -10.20 -8.09
CA GLN B 139 11.37 -9.66 -7.87
C GLN B 139 10.37 -10.70 -7.35
N ILE B 140 10.77 -11.95 -7.12
CA ILE B 140 9.85 -13.01 -6.68
C ILE B 140 10.21 -13.46 -5.26
N PRO B 141 9.23 -13.66 -4.36
CA PRO B 141 9.58 -14.03 -2.98
C PRO B 141 10.10 -15.46 -2.90
N LEU B 142 11.04 -15.65 -1.97
CA LEU B 142 11.66 -16.96 -1.76
C LEU B 142 10.64 -18.08 -1.64
N SER B 143 9.47 -17.80 -1.08
CA SER B 143 8.45 -18.84 -0.94
C SER B 143 8.09 -19.47 -2.27
N HIS B 144 8.10 -18.69 -3.35
CA HIS B 144 7.75 -19.25 -4.65
C HIS B 144 8.81 -20.22 -5.14
N TYR B 145 10.09 -19.94 -4.86
CA TYR B 145 11.13 -20.88 -5.23
C TYR B 145 11.11 -22.11 -4.34
N TRP B 146 10.87 -21.93 -3.03
CA TRP B 146 10.77 -23.11 -2.18
C TRP B 146 9.67 -24.03 -2.67
N PHE B 147 8.50 -23.48 -3.00
CA PHE B 147 7.42 -24.36 -3.42
C PHE B 147 7.71 -24.99 -4.79
N ASP B 148 8.44 -24.27 -5.65
CA ASP B 148 8.86 -24.84 -6.92
C ASP B 148 9.60 -26.16 -6.70
N ARG B 149 10.69 -26.11 -5.94
CA ARG B 149 11.43 -27.32 -5.63
C ARG B 149 10.55 -28.37 -4.93
N SER B 150 9.85 -27.96 -3.85
CA SER B 150 9.04 -28.93 -3.10
C SER B 150 8.05 -29.66 -4.00
N TYR B 151 7.53 -29.00 -5.04
CA TYR B 151 6.50 -29.57 -5.92
C TYR B 151 7.09 -30.47 -6.99
N ARG B 152 8.34 -30.22 -7.37
CA ARG B 152 9.08 -31.05 -8.30
C ARG B 152 9.88 -32.14 -7.58
N GLY B 153 9.70 -32.30 -6.27
CA GLY B 153 10.44 -33.29 -5.50
C GLY B 153 11.89 -32.96 -5.29
N LYS B 154 12.32 -31.76 -5.68
CA LYS B 154 13.71 -31.40 -5.46
C LYS B 154 14.04 -31.16 -4.00
N THR B 155 13.03 -31.11 -3.11
CA THR B 155 13.22 -30.90 -1.68
C THR B 155 12.02 -31.43 -0.93
N VAL B 156 12.25 -31.90 0.30
CA VAL B 156 11.19 -32.22 1.24
C VAL B 156 11.25 -31.35 2.48
N GLU B 157 12.24 -30.46 2.58
CA GLU B 157 12.37 -29.57 3.70
C GLU B 157 11.12 -28.69 3.84
N PRO B 158 10.58 -28.56 5.05
CA PRO B 158 9.45 -27.64 5.25
C PRO B 158 9.82 -26.20 4.91
N PHE B 159 8.81 -25.45 4.50
CA PHE B 159 8.97 -24.04 4.12
C PHE B 159 9.73 -23.22 5.16
N ASP B 160 9.32 -23.32 6.43
CA ASP B 160 9.90 -22.43 7.44
C ASP B 160 11.37 -22.71 7.66
N TYR B 161 11.77 -23.99 7.60
CA TYR B 161 13.19 -24.31 7.70
C TYR B 161 13.97 -23.97 6.43
N ALA B 162 13.31 -23.96 5.26
CA ALA B 162 14.03 -23.66 4.03
C ALA B 162 14.33 -22.18 3.88
N CYS B 163 13.42 -21.30 4.34
CA CYS B 163 13.45 -19.88 3.99
C CYS B 163 13.87 -18.96 5.13
N TYR B 164 13.83 -19.43 6.37
CA TYR B 164 14.14 -18.60 7.51
C TYR B 164 15.29 -19.18 8.31
N LYS B 165 16.16 -18.30 8.79
CA LYS B 165 17.20 -18.74 9.71
C LYS B 165 16.64 -19.09 11.07
N GLU B 166 15.57 -18.42 11.48
CA GLU B 166 15.05 -18.51 12.84
C GLU B 166 14.76 -19.93 13.33
N PRO B 167 14.08 -20.81 12.57
CA PRO B 167 13.65 -22.09 13.17
C PRO B 167 14.77 -22.88 13.82
N VAL B 168 15.95 -22.95 13.20
CA VAL B 168 17.02 -23.77 13.78
C VAL B 168 17.46 -23.21 15.12
N ILE B 169 17.59 -21.88 15.22
CA ILE B 169 18.06 -21.31 16.47
C ILE B 169 16.97 -21.29 17.53
N LEU B 170 15.69 -21.29 17.11
CA LEU B 170 14.61 -21.37 18.08
C LEU B 170 14.48 -22.76 18.66
N ASP B 171 14.69 -23.80 17.82
CA ASP B 171 14.73 -25.17 18.33
C ASP B 171 15.73 -25.34 19.49
N ALA B 172 16.74 -24.46 19.58
CA ALA B 172 17.79 -24.50 20.59
C ALA B 172 17.70 -23.32 21.54
N ASN B 173 16.49 -22.80 21.71
CA ASN B 173 16.20 -21.67 22.61
C ASN B 173 17.30 -20.60 22.59
N ARG B 174 17.80 -20.25 21.40
CA ARG B 174 18.86 -19.25 21.29
C ARG B 174 18.34 -17.83 21.52
N SER B 175 19.22 -16.97 21.81
CA SER B 175 18.79 -15.60 22.03
C SER B 175 18.79 -14.82 20.73
N PRO B 176 17.88 -13.88 20.53
CA PRO B 176 17.97 -13.03 19.33
C PRO B 176 19.03 -11.95 19.45
N ARG B 177 19.62 -11.75 20.63
CA ARG B 177 20.72 -10.80 20.78
C ARG B 177 21.96 -11.52 21.31
N ARG B 178 23.12 -11.19 20.72
CA ARG B 178 24.42 -11.58 21.29
C ARG B 178 24.66 -10.86 22.61
N LEU B 179 25.48 -11.47 23.48
CA LEU B 179 25.76 -10.88 24.79
C LEU B 179 26.32 -9.48 24.72
N ASP B 180 26.90 -9.08 23.59
CA ASP B 180 27.32 -7.69 23.44
C ASP B 180 26.19 -6.76 23.01
N GLY B 181 25.00 -7.30 22.68
CA GLY B 181 23.82 -6.51 22.41
C GLY B 181 23.31 -6.58 20.97
N SER B 182 24.14 -6.97 20.00
CA SER B 182 23.77 -6.77 18.60
C SER B 182 22.69 -7.75 18.14
N LYS B 183 21.77 -7.23 17.33
CA LYS B 183 20.49 -7.86 17.04
C LYS B 183 20.63 -8.69 15.78
N VAL B 184 20.37 -10.00 15.88
CA VAL B 184 20.53 -10.92 14.76
C VAL B 184 19.20 -11.35 14.16
N THR B 185 18.08 -10.87 14.69
CA THR B 185 16.75 -11.22 14.22
C THR B 185 15.78 -10.10 14.61
N ASN B 186 14.66 -10.03 13.90
CA ASN B 186 13.53 -9.25 14.38
C ASN B 186 12.84 -10.02 15.50
N TYR B 187 12.42 -9.30 16.53
CA TYR B 187 11.81 -9.92 17.70
C TYR B 187 10.83 -8.96 18.35
N ALA B 188 9.97 -9.52 19.18
CA ALA B 188 9.08 -8.75 20.07
C ALA B 188 9.17 -9.33 21.49
N TRP B 189 8.13 -9.10 22.30
CA TRP B 189 8.22 -9.28 23.74
C TRP B 189 7.10 -10.12 24.30
N HIS B 190 7.42 -10.81 25.39
CA HIS B 190 6.47 -11.43 26.28
C HIS B 190 6.51 -10.69 27.61
N PHE B 191 5.34 -10.33 28.12
CA PHE B 191 5.30 -9.74 29.45
C PHE B 191 3.93 -9.97 30.05
N ASP B 192 3.81 -9.59 31.34
CA ASP B 192 2.55 -9.52 32.07
C ASP B 192 1.92 -8.14 31.83
N ALA B 193 0.74 -8.11 31.20
CA ALA B 193 0.16 -6.82 30.84
C ALA B 193 -0.01 -5.90 32.06
N HIS B 194 -0.41 -6.44 33.22
CA HIS B 194 -0.59 -5.60 34.41
C HIS B 194 0.67 -4.78 34.72
N LEU B 195 1.85 -5.38 34.60
CA LEU B 195 3.09 -4.65 34.88
C LEU B 195 3.31 -3.53 33.87
N VAL B 196 3.01 -3.77 32.60
CA VAL B 196 3.16 -2.71 31.62
C VAL B 196 2.16 -1.60 31.89
N ALA B 197 0.96 -1.97 32.37
CA ALA B 197 -0.06 -0.98 32.66
C ALA B 197 0.39 -0.05 33.79
N ASP B 198 0.90 -0.60 34.89
CA ASP B 198 1.35 0.24 36.00
C ASP B 198 2.55 1.09 35.60
N PHE B 199 3.46 0.52 34.82
CA PHE B 199 4.51 1.34 34.23
C PHE B 199 3.93 2.51 33.44
N LEU B 200 2.91 2.26 32.63
CA LEU B 200 2.32 3.36 31.89
C LEU B 200 1.49 4.28 32.78
N ARG B 201 0.85 3.76 33.82
CA ARG B 201 0.14 4.64 34.75
C ARG B 201 1.13 5.55 35.48
N ARG B 202 2.30 5.01 35.83
CA ARG B 202 3.32 5.86 36.43
C ARG B 202 3.77 6.93 35.46
N PHE B 203 4.05 6.54 34.21
CA PHE B 203 4.53 7.48 33.20
C PHE B 203 3.50 8.56 32.91
N ALA B 204 2.25 8.18 32.65
CA ALA B 204 1.25 9.17 32.26
C ALA B 204 0.99 10.17 33.39
N THR B 205 0.88 9.70 34.64
CA THR B 205 0.52 10.59 35.75
C THR B 205 1.68 11.47 36.19
N GLU B 206 2.89 10.89 36.25
CA GLU B 206 4.06 11.62 36.73
C GLU B 206 4.74 12.45 35.64
N LYS B 207 4.67 12.07 34.37
CA LYS B 207 5.41 12.83 33.35
C LYS B 207 4.56 13.46 32.24
N LEU B 208 3.29 13.07 32.09
CA LEU B 208 2.43 13.68 31.08
C LEU B 208 1.26 14.47 31.66
N GLY B 209 1.09 14.49 32.97
CA GLY B 209 0.04 15.33 33.54
C GLY B 209 -1.35 14.73 33.50
N VAL B 210 -1.48 13.44 33.18
CA VAL B 210 -2.80 12.82 33.14
C VAL B 210 -3.31 12.64 34.56
N ARG B 211 -4.54 13.06 34.80
CA ARG B 211 -5.13 13.03 36.12
C ARG B 211 -5.90 11.72 36.31
N HIS B 212 -5.56 10.98 37.35
CA HIS B 212 -6.14 9.67 37.63
C HIS B 212 -7.17 9.81 38.74
N VAL B 213 -8.38 9.32 38.48
CA VAL B 213 -9.48 9.36 39.43
C VAL B 213 -9.97 7.93 39.65
N GLU B 214 -9.96 7.47 40.90
CA GLU B 214 -10.46 6.13 41.22
C GLU B 214 -11.93 6.26 41.57
N ASP B 215 -12.80 5.70 40.73
CA ASP B 215 -14.23 5.86 40.93
C ASP B 215 -14.92 5.00 39.89
N ARG B 216 -16.21 4.83 40.08
CA ARG B 216 -17.03 3.91 39.31
C ARG B 216 -18.00 4.74 38.49
N VAL B 217 -18.25 4.37 37.26
CA VAL B 217 -19.22 5.11 36.44
C VAL B 217 -20.62 4.62 36.77
N GLU B 218 -21.50 5.58 37.09
CA GLU B 218 -22.86 5.28 37.49
C GLU B 218 -23.93 5.75 36.52
N HIS B 219 -23.68 6.84 35.82
CA HIS B 219 -24.65 7.44 34.91
C HIS B 219 -23.91 8.24 33.83
N VAL B 220 -24.23 7.99 32.56
CA VAL B 220 -23.70 8.73 31.44
C VAL B 220 -24.80 9.63 30.89
N GLN B 221 -24.52 10.93 30.79
CA GLN B 221 -25.53 11.92 30.41
C GLN B 221 -25.31 12.28 28.94
N ARG B 222 -26.28 11.96 28.08
CA ARG B 222 -26.17 12.36 26.68
C ARG B 222 -26.95 13.64 26.41
N ASP B 223 -26.54 14.38 25.37
CA ASP B 223 -27.18 15.63 25.02
C ASP B 223 -28.20 15.36 23.93
N ALA B 224 -28.76 16.44 23.36
CA ALA B 224 -29.87 16.27 22.43
C ALA B 224 -29.44 15.62 21.11
N ASN B 225 -28.18 15.82 20.69
CA ASN B 225 -27.69 15.20 19.46
C ASN B 225 -27.06 13.83 19.70
N GLY B 226 -27.29 13.25 20.89
CA GLY B 226 -26.83 11.92 21.19
C GLY B 226 -25.39 11.80 21.61
N ASN B 227 -24.60 12.87 21.57
CA ASN B 227 -23.23 12.80 22.06
C ASN B 227 -23.21 12.73 23.57
N ILE B 228 -22.06 12.33 24.11
CA ILE B 228 -21.89 12.26 25.56
C ILE B 228 -21.56 13.64 26.10
N GLU B 229 -22.29 14.03 27.15
CA GLU B 229 -22.16 15.31 27.84
C GLU B 229 -21.34 15.19 29.12
N SER B 230 -21.68 14.22 29.97
CA SER B 230 -20.91 13.98 31.17
C SER B 230 -21.13 12.54 31.62
N VAL B 231 -20.18 12.06 32.42
CA VAL B 231 -20.36 10.84 33.19
C VAL B 231 -20.36 11.26 34.66
N ARG B 232 -21.29 10.69 35.42
CA ARG B 232 -21.35 10.86 36.88
C ARG B 232 -20.95 9.57 37.57
N THR B 233 -20.21 9.70 38.66
CA THR B 233 -19.65 8.56 39.36
C THR B 233 -20.45 8.20 40.60
N ALA B 234 -20.14 7.01 41.15
CA ALA B 234 -20.78 6.54 42.38
C ALA B 234 -20.61 7.52 43.54
N THR B 235 -19.49 8.26 43.57
CA THR B 235 -19.35 9.25 44.63
C THR B 235 -20.03 10.56 44.30
N GLY B 236 -20.73 10.66 43.17
CA GLY B 236 -21.48 11.86 42.86
C GLY B 236 -20.72 12.88 42.06
N ARG B 237 -19.46 12.65 41.76
CA ARG B 237 -18.69 13.56 40.94
C ARG B 237 -19.15 13.50 39.49
N VAL B 238 -19.06 14.64 38.80
CA VAL B 238 -19.44 14.79 37.40
C VAL B 238 -18.20 15.19 36.61
N PHE B 239 -17.88 14.45 35.55
CA PHE B 239 -16.78 14.79 34.66
C PHE B 239 -17.32 15.06 33.27
N ASP B 240 -17.05 16.25 32.75
CA ASP B 240 -17.40 16.53 31.37
C ASP B 240 -16.14 16.56 30.50
N ALA B 241 -16.36 16.43 29.19
CA ALA B 241 -15.25 16.40 28.27
C ALA B 241 -15.77 16.72 26.88
N ASP B 242 -14.83 16.97 25.97
CA ASP B 242 -15.16 17.16 24.57
C ASP B 242 -15.07 15.85 23.80
N LEU B 243 -14.15 14.98 24.20
CA LEU B 243 -13.92 13.68 23.59
C LEU B 243 -13.81 12.62 24.69
N PHE B 244 -14.59 11.55 24.55
CA PHE B 244 -14.60 10.44 25.50
C PHE B 244 -14.00 9.21 24.84
N VAL B 245 -13.00 8.64 25.48
CA VAL B 245 -12.32 7.44 25.02
C VAL B 245 -12.76 6.29 25.92
N ASP B 246 -13.42 5.30 25.33
CA ASP B 246 -14.00 4.18 26.06
C ASP B 246 -12.98 3.05 26.11
N CYS B 247 -12.36 2.86 27.27
CA CYS B 247 -11.51 1.72 27.54
C CYS B 247 -12.07 0.86 28.65
N SER B 248 -13.39 0.66 28.67
CA SER B 248 -14.01 -0.12 29.73
C SER B 248 -14.00 -1.62 29.45
N GLY B 249 -13.23 -2.08 28.48
CA GLY B 249 -13.22 -3.50 28.19
C GLY B 249 -14.52 -4.01 27.58
N PHE B 250 -14.72 -5.32 27.71
CA PHE B 250 -15.89 -5.97 27.12
C PHE B 250 -17.23 -5.32 27.50
N ARG B 251 -17.28 -4.55 28.61
CA ARG B 251 -18.56 -3.96 29.03
C ARG B 251 -19.07 -2.95 28.04
N GLY B 252 -18.16 -2.13 27.48
CA GLY B 252 -18.50 -1.06 26.57
C GLY B 252 -19.47 -0.06 27.18
N LEU B 253 -19.08 0.51 28.33
CA LEU B 253 -20.03 1.35 29.05
C LEU B 253 -20.40 2.61 28.28
N LEU B 254 -19.52 3.10 27.43
CA LEU B 254 -19.84 4.29 26.62
C LEU B 254 -20.33 3.91 25.23
N ILE B 255 -19.52 3.17 24.47
CA ILE B 255 -19.84 2.89 23.06
C ILE B 255 -21.09 2.02 22.92
N ASN B 256 -21.18 0.93 23.69
CA ASN B 256 -22.31 0.02 23.55
C ASN B 256 -23.46 0.42 24.45
N LYS B 257 -23.19 0.66 25.72
CA LYS B 257 -24.33 0.86 26.62
C LYS B 257 -24.85 2.30 26.53
N ALA B 258 -23.97 3.29 26.59
CA ALA B 258 -24.42 4.69 26.60
C ALA B 258 -24.86 5.15 25.21
N MET B 259 -23.99 4.96 24.20
CA MET B 259 -24.26 5.37 22.82
C MET B 259 -25.06 4.34 22.01
N GLU B 260 -25.29 3.14 22.51
CA GLU B 260 -26.17 2.14 21.88
C GLU B 260 -25.65 1.63 20.54
N GLU B 261 -24.31 1.62 20.37
CA GLU B 261 -23.73 1.11 19.11
C GLU B 261 -23.69 -0.41 19.12
N PRO B 262 -24.31 -1.08 18.17
CA PRO B 262 -24.33 -2.56 18.17
C PRO B 262 -22.94 -3.16 18.11
N PHE B 263 -22.74 -4.23 18.85
CA PHE B 263 -21.57 -5.09 18.68
C PHE B 263 -21.84 -6.12 17.58
N LEU B 264 -20.95 -6.23 16.61
CA LEU B 264 -21.07 -7.26 15.58
C LEU B 264 -20.30 -8.51 16.00
N ASP B 265 -21.05 -9.53 16.46
CA ASP B 265 -20.51 -10.85 16.76
C ASP B 265 -20.03 -11.51 15.50
N MET B 266 -18.87 -12.12 15.55
CA MET B 266 -18.39 -12.74 14.32
C MET B 266 -18.01 -14.19 14.55
N SER B 267 -18.81 -14.91 15.37
CA SER B 267 -18.59 -16.34 15.57
C SER B 267 -18.99 -17.20 14.37
N ASP B 268 -19.51 -16.62 13.28
CA ASP B 268 -19.64 -17.38 12.04
C ASP B 268 -18.31 -17.47 11.31
N HIS B 269 -17.26 -16.92 11.89
CA HIS B 269 -15.92 -17.07 11.37
C HIS B 269 -14.97 -17.68 12.38
N LEU B 270 -15.28 -17.56 13.67
CA LEU B 270 -14.43 -17.99 14.77
C LEU B 270 -15.33 -18.65 15.81
N LEU B 271 -15.04 -19.89 16.13
CA LEU B 271 -15.86 -20.63 17.07
C LEU B 271 -15.43 -20.43 18.51
N ASN B 272 -14.21 -19.94 18.73
CA ASN B 272 -13.68 -19.83 20.08
C ASN B 272 -14.26 -18.61 20.77
N ASP B 273 -14.92 -18.84 21.90
CA ASP B 273 -15.54 -17.76 22.65
C ASP B 273 -15.19 -17.81 24.13
N SER B 274 -14.36 -18.76 24.59
CA SER B 274 -14.09 -18.88 26.02
C SER B 274 -12.61 -19.11 26.27
N ALA B 275 -12.20 -19.00 27.53
CA ALA B 275 -10.82 -19.36 27.88
C ALA B 275 -10.70 -19.73 29.35
N VAL B 276 -9.66 -20.50 29.64
CA VAL B 276 -9.27 -20.77 31.01
C VAL B 276 -7.75 -20.64 31.06
N ALA B 277 -7.25 -19.75 31.89
CA ALA B 277 -5.86 -19.35 31.82
C ALA B 277 -5.28 -19.25 33.23
N THR B 278 -3.96 -19.40 33.31
CA THR B 278 -3.27 -19.32 34.60
C THR B 278 -1.82 -18.96 34.38
N GLN B 279 -1.08 -18.81 35.48
CA GLN B 279 0.34 -18.54 35.49
C GLN B 279 1.04 -19.72 36.18
N VAL B 280 2.01 -20.32 35.52
CA VAL B 280 2.68 -21.52 35.98
C VAL B 280 4.15 -21.17 36.28
N PRO B 281 4.69 -21.55 37.43
CA PRO B 281 6.12 -21.29 37.68
C PRO B 281 6.97 -22.21 36.83
N HIS B 282 8.19 -21.76 36.52
CA HIS B 282 9.05 -22.45 35.55
C HIS B 282 10.51 -22.37 35.99
N ASP B 283 11.24 -23.49 35.89
CA ASP B 283 12.67 -23.55 36.18
C ASP B 283 13.47 -23.09 34.96
N ASP B 284 13.85 -21.82 34.94
CA ASP B 284 14.63 -21.35 33.80
C ASP B 284 16.05 -21.89 33.85
N ASP B 285 16.56 -22.22 35.05
CA ASP B 285 17.95 -22.69 35.11
C ASP B 285 18.13 -24.11 34.60
N ALA B 286 17.09 -24.94 34.64
CA ALA B 286 17.12 -26.30 34.13
C ALA B 286 16.59 -26.46 32.71
N ASN B 287 15.71 -25.57 32.26
CA ASN B 287 15.08 -25.72 30.95
C ASN B 287 15.30 -24.54 30.03
N GLY B 288 16.03 -23.53 30.46
CA GLY B 288 16.11 -22.33 29.67
C GLY B 288 14.77 -21.61 29.56
N VAL B 289 14.78 -20.58 28.72
CA VAL B 289 13.58 -19.82 28.37
C VAL B 289 13.36 -19.91 26.87
N GLU B 290 12.21 -20.43 26.49
CA GLU B 290 11.79 -20.49 25.10
C GLU B 290 11.59 -19.10 24.51
N PRO B 291 12.30 -18.73 23.42
CA PRO B 291 12.10 -17.42 22.79
C PRO B 291 10.95 -17.39 21.78
N PHE B 292 9.80 -17.91 22.19
CA PHE B 292 8.67 -17.88 21.27
C PHE B 292 7.40 -18.13 22.07
N THR B 293 6.30 -17.63 21.55
CA THR B 293 4.97 -18.01 22.01
C THR B 293 4.71 -19.37 21.40
N SER B 294 4.06 -20.25 22.14
CA SER B 294 3.66 -21.53 21.59
C SER B 294 2.14 -21.53 21.49
N ALA B 295 1.63 -22.02 20.36
CA ALA B 295 0.21 -22.18 20.14
C ALA B 295 -0.04 -23.66 19.94
N ILE B 296 -0.62 -24.29 20.95
CA ILE B 296 -0.70 -25.74 21.05
C ILE B 296 -2.12 -26.13 20.76
N ALA B 297 -2.33 -26.89 19.68
CA ALA B 297 -3.67 -27.31 19.31
C ALA B 297 -4.24 -28.27 20.36
N MET B 298 -5.52 -28.07 20.67
CA MET B 298 -6.27 -28.87 21.64
C MET B 298 -7.40 -29.60 20.92
N LYS B 299 -8.23 -30.30 21.71
CA LYS B 299 -9.36 -31.02 21.14
C LYS B 299 -10.47 -30.06 20.74
N SER B 300 -10.67 -29.00 21.50
CA SER B 300 -11.76 -28.06 21.26
C SER B 300 -11.24 -26.62 21.26
N GLY B 301 -10.00 -26.43 20.81
CA GLY B 301 -9.41 -25.12 20.70
C GLY B 301 -7.90 -25.17 20.67
N TRP B 302 -7.23 -24.25 21.37
CA TRP B 302 -5.79 -24.20 21.34
C TRP B 302 -5.34 -23.55 22.63
N THR B 303 -4.07 -23.75 22.95
CA THR B 303 -3.49 -23.27 24.20
C THR B 303 -2.31 -22.38 23.90
N TRP B 304 -2.29 -21.18 24.44
CA TRP B 304 -1.09 -20.39 24.31
C TRP B 304 -0.14 -20.70 25.45
N LYS B 305 1.15 -20.51 25.21
CA LYS B 305 2.15 -20.51 26.28
C LYS B 305 3.09 -19.34 26.02
N ILE B 306 3.15 -18.43 26.98
CA ILE B 306 3.88 -17.17 26.85
C ILE B 306 4.93 -17.13 27.94
N PRO B 307 6.18 -17.46 27.62
CA PRO B 307 7.21 -17.56 28.65
C PRO B 307 7.60 -16.19 29.19
N MET B 308 7.79 -16.11 30.50
CA MET B 308 8.34 -14.91 31.10
C MET B 308 9.53 -15.33 31.96
N LEU B 309 9.89 -14.51 32.95
CA LEU B 309 11.03 -14.78 33.81
C LEU B 309 10.59 -15.62 35.00
N GLY B 310 11.04 -16.87 35.05
CA GLY B 310 10.70 -17.72 36.17
C GLY B 310 9.30 -18.27 36.12
N ARG B 311 8.58 -18.05 35.04
CA ARG B 311 7.18 -18.47 34.92
C ARG B 311 6.77 -18.31 33.47
N PHE B 312 5.58 -18.81 33.15
CA PHE B 312 4.98 -18.58 31.86
C PHE B 312 3.47 -18.47 31.99
N GLY B 313 2.89 -17.55 31.22
CA GLY B 313 1.45 -17.52 31.07
C GLY B 313 1.02 -18.60 30.12
N THR B 314 -0.12 -19.20 30.41
CA THR B 314 -0.77 -20.11 29.49
C THR B 314 -2.27 -19.96 29.64
N GLY B 315 -2.99 -20.25 28.55
CA GLY B 315 -4.44 -20.23 28.56
C GLY B 315 -5.01 -21.14 27.49
N TYR B 316 -6.09 -21.87 27.82
CA TYR B 316 -6.80 -22.71 26.85
C TYR B 316 -7.91 -21.86 26.26
N VAL B 317 -7.82 -21.59 24.96
CA VAL B 317 -8.87 -20.89 24.22
C VAL B 317 -9.69 -21.98 23.57
N TYR B 318 -10.99 -22.03 23.86
CA TYR B 318 -11.83 -23.13 23.39
C TYR B 318 -13.21 -22.61 23.04
N SER B 319 -13.97 -23.45 22.33
CA SER B 319 -15.30 -23.09 21.86
C SER B 319 -16.35 -23.66 22.80
N SER B 320 -17.13 -22.78 23.43
CA SER B 320 -18.12 -23.22 24.41
C SER B 320 -19.17 -24.15 23.82
N ARG B 321 -19.27 -24.24 22.50
CA ARG B 321 -20.22 -25.16 21.88
C ARG B 321 -19.65 -26.55 21.63
N PHE B 322 -18.38 -26.79 21.98
CA PHE B 322 -17.77 -28.10 21.77
C PHE B 322 -17.08 -28.64 23.01
N ALA B 323 -17.00 -27.84 24.07
CA ALA B 323 -16.39 -28.27 25.32
C ALA B 323 -17.09 -27.52 26.44
N THR B 324 -17.58 -28.24 27.42
CA THR B 324 -18.12 -27.57 28.60
C THR B 324 -16.97 -26.98 29.42
N GLU B 325 -17.30 -26.13 30.38
CA GLU B 325 -16.26 -25.37 31.07
C GLU B 325 -15.32 -26.28 31.87
N ASP B 326 -15.82 -27.42 32.35
CA ASP B 326 -14.94 -28.32 33.09
C ASP B 326 -14.31 -29.38 32.22
N GLU B 327 -14.91 -29.72 31.07
CA GLU B 327 -14.15 -30.43 30.03
C GLU B 327 -12.87 -29.67 29.71
N ALA B 328 -12.96 -28.34 29.69
CA ALA B 328 -11.80 -27.53 29.35
C ALA B 328 -10.82 -27.44 30.51
N VAL B 329 -11.32 -27.14 31.72
CA VAL B 329 -10.45 -27.07 32.89
C VAL B 329 -9.62 -28.34 33.01
N ARG B 330 -10.24 -29.49 32.73
CA ARG B 330 -9.53 -30.77 32.88
C ARG B 330 -8.48 -30.94 31.79
N GLU B 331 -8.90 -30.91 30.52
CA GLU B 331 -7.94 -30.97 29.40
C GLU B 331 -6.77 -30.02 29.63
N PHE B 332 -7.03 -28.86 30.23
CA PHE B 332 -6.00 -27.83 30.37
C PHE B 332 -5.09 -28.11 31.55
N CYS B 333 -5.65 -28.55 32.68
CA CYS B 333 -4.84 -28.90 33.84
C CYS B 333 -4.05 -30.18 33.59
N GLU B 334 -4.64 -31.17 32.91
CA GLU B 334 -3.89 -32.38 32.59
C GLU B 334 -2.62 -32.05 31.80
N MET B 335 -2.73 -31.20 30.78
CA MET B 335 -1.59 -31.02 29.88
C MET B 335 -0.42 -30.32 30.59
N TRP B 336 -0.70 -29.50 31.59
CA TRP B 336 0.35 -28.84 32.35
C TRP B 336 0.61 -29.50 33.70
N HIS B 337 -0.01 -30.67 33.96
CA HIS B 337 0.13 -31.42 35.21
C HIS B 337 -0.14 -30.52 36.41
N LEU B 338 -1.35 -29.97 36.40
CA LEU B 338 -1.88 -29.09 37.44
C LEU B 338 -3.08 -29.76 38.10
N ASP B 339 -3.36 -29.29 39.31
CA ASP B 339 -4.42 -29.84 40.14
C ASP B 339 -5.68 -28.99 39.97
N PRO B 340 -6.73 -29.51 39.33
CA PRO B 340 -7.90 -28.68 39.00
C PRO B 340 -8.53 -27.96 40.18
N GLU B 341 -8.18 -28.32 41.43
CA GLU B 341 -8.90 -27.87 42.61
C GLU B 341 -8.14 -26.89 43.48
N THR B 342 -6.82 -26.75 43.29
CA THR B 342 -6.03 -25.74 43.99
C THR B 342 -5.29 -24.79 43.07
N GLN B 343 -5.24 -25.09 41.77
CA GLN B 343 -4.63 -24.17 40.83
C GLN B 343 -5.52 -22.94 40.68
N PRO B 344 -4.99 -21.74 40.88
CA PRO B 344 -5.75 -20.54 40.55
C PRO B 344 -6.00 -20.48 39.05
N LEU B 345 -7.27 -20.28 38.67
CA LEU B 345 -7.69 -20.30 37.27
C LEU B 345 -8.54 -19.08 36.96
N ASN B 346 -8.23 -18.38 35.88
CA ASN B 346 -9.17 -17.42 35.30
C ASN B 346 -10.05 -18.14 34.30
N ARG B 347 -11.36 -17.96 34.41
CA ARG B 347 -12.32 -18.45 33.43
C ARG B 347 -13.03 -17.24 32.84
N ILE B 348 -12.94 -17.09 31.53
CA ILE B 348 -13.65 -16.00 30.87
C ILE B 348 -14.45 -16.55 29.68
N ARG B 349 -15.60 -15.94 29.44
CA ARG B 349 -16.36 -16.09 28.22
C ARG B 349 -16.35 -14.74 27.53
N PHE B 350 -15.79 -14.66 26.33
CA PHE B 350 -15.75 -13.35 25.71
C PHE B 350 -16.61 -13.27 24.47
N ARG B 351 -16.80 -12.02 24.04
CA ARG B 351 -17.49 -11.71 22.79
C ARG B 351 -16.42 -11.57 21.72
N VAL B 352 -16.72 -12.09 20.54
CA VAL B 352 -15.78 -12.12 19.44
C VAL B 352 -16.33 -11.27 18.32
N GLY B 353 -15.51 -10.35 17.80
CA GLY B 353 -15.94 -9.44 16.74
C GLY B 353 -15.64 -8.00 17.08
N ARG B 354 -16.45 -7.05 16.61
CA ARG B 354 -16.11 -5.64 16.72
C ARG B 354 -17.38 -4.80 16.69
N ASN B 355 -17.27 -3.54 17.11
CA ASN B 355 -18.41 -2.66 17.02
C ASN B 355 -18.72 -2.35 15.56
N ARG B 356 -20.00 -2.13 15.26
CA ARG B 356 -20.37 -1.65 13.93
C ARG B 356 -19.54 -0.42 13.56
N ARG B 357 -19.35 0.49 14.51
CA ARG B 357 -18.47 1.63 14.32
C ARG B 357 -17.66 1.79 15.61
N ALA B 358 -16.35 1.98 15.47
CA ALA B 358 -15.47 2.15 16.62
C ALA B 358 -15.68 3.51 17.27
N TRP B 359 -15.87 4.53 16.45
CA TRP B 359 -16.00 5.90 16.93
C TRP B 359 -17.38 6.40 16.52
N VAL B 360 -18.13 6.90 17.48
CA VAL B 360 -19.49 7.38 17.23
C VAL B 360 -19.68 8.64 18.05
N GLY B 361 -20.20 9.69 17.43
CA GLY B 361 -20.37 10.92 18.17
C GLY B 361 -19.03 11.40 18.66
N ASN B 362 -18.95 11.72 19.95
CA ASN B 362 -17.70 12.10 20.60
C ASN B 362 -17.14 10.96 21.45
N CYS B 363 -17.44 9.72 21.08
CA CYS B 363 -17.02 8.55 21.85
C CYS B 363 -16.18 7.61 20.98
N VAL B 364 -14.95 7.34 21.40
CA VAL B 364 -14.06 6.46 20.67
C VAL B 364 -13.79 5.25 21.55
N SER B 365 -14.08 4.06 21.03
CA SER B 365 -13.69 2.85 21.72
C SER B 365 -12.27 2.45 21.35
N ILE B 366 -11.55 1.91 22.34
CA ILE B 366 -10.15 1.53 22.24
C ILE B 366 -9.96 0.29 23.10
N GLY B 367 -9.39 -0.76 22.50
CA GLY B 367 -9.19 -2.01 23.22
C GLY B 367 -10.37 -2.94 23.09
N THR B 368 -10.61 -3.79 24.08
CA THR B 368 -11.69 -4.77 23.94
C THR B 368 -13.06 -4.13 24.00
N SER B 369 -13.15 -2.86 24.42
CA SER B 369 -14.41 -2.15 24.21
C SER B 369 -14.71 -1.97 22.73
N SER B 370 -13.71 -2.11 21.87
CA SER B 370 -13.80 -1.88 20.44
C SER B 370 -13.93 -3.17 19.63
N CYS B 371 -13.05 -4.11 19.90
CA CYS B 371 -13.05 -5.36 19.16
C CYS B 371 -12.24 -6.38 19.93
N PHE B 372 -12.46 -7.65 19.59
CA PHE B 372 -11.68 -8.71 20.20
C PHE B 372 -11.64 -9.92 19.29
N VAL B 373 -10.43 -10.48 19.17
CA VAL B 373 -10.21 -11.77 18.52
C VAL B 373 -9.22 -12.56 19.37
N GLU B 374 -9.38 -13.88 19.40
CA GLU B 374 -8.49 -14.72 20.21
C GLU B 374 -7.03 -14.39 19.91
N PRO B 375 -6.14 -14.48 20.91
CA PRO B 375 -4.75 -14.03 20.72
C PRO B 375 -3.85 -14.99 19.96
N LEU B 376 -4.38 -15.63 18.92
CA LEU B 376 -3.61 -16.62 18.17
C LEU B 376 -2.43 -16.00 17.45
N GLU B 377 -2.42 -14.68 17.29
CA GLU B 377 -1.41 -14.00 16.49
C GLU B 377 -1.02 -12.67 17.13
N SER B 378 -1.18 -12.56 18.45
CA SER B 378 -0.54 -11.49 19.21
C SER B 378 -0.96 -10.12 18.70
N THR B 379 -2.28 -9.91 18.60
CA THR B 379 -2.79 -8.65 18.07
C THR B 379 -3.44 -7.74 19.10
N GLY B 380 -3.77 -8.23 20.30
CA GLY B 380 -4.63 -7.45 21.19
C GLY B 380 -4.03 -6.11 21.58
N ILE B 381 -2.76 -6.11 21.99
CA ILE B 381 -2.11 -4.86 22.33
C ILE B 381 -1.87 -4.03 21.07
N TYR B 382 -1.52 -4.68 19.95
CA TYR B 382 -1.40 -3.98 18.67
C TYR B 382 -2.66 -3.18 18.33
N PHE B 383 -3.84 -3.78 18.55
CA PHE B 383 -5.10 -3.09 18.26
C PHE B 383 -5.23 -1.80 19.06
N VAL B 384 -4.70 -1.78 20.27
CA VAL B 384 -4.78 -0.56 21.07
C VAL B 384 -3.94 0.55 20.45
N TYR B 385 -2.64 0.31 20.20
CA TYR B 385 -1.86 1.43 19.69
C TYR B 385 -2.01 1.67 18.19
N ALA B 386 -2.38 0.65 17.40
CA ALA B 386 -2.80 0.94 16.03
C ALA B 386 -4.01 1.87 16.01
N ALA B 387 -5.02 1.60 16.83
CA ALA B 387 -6.16 2.50 16.88
C ALA B 387 -5.78 3.88 17.43
N LEU B 388 -4.95 3.92 18.46
CA LEU B 388 -4.53 5.22 18.98
C LEU B 388 -3.81 6.02 17.89
N TYR B 389 -3.00 5.33 17.07
CA TYR B 389 -2.34 5.96 15.92
C TYR B 389 -3.35 6.52 14.95
N GLN B 390 -4.33 5.71 14.58
CA GLN B 390 -5.35 6.17 13.66
C GLN B 390 -6.16 7.30 14.27
N LEU B 391 -6.34 7.27 15.60
CA LEU B 391 -7.11 8.34 16.26
C LEU B 391 -6.41 9.67 16.13
N VAL B 392 -5.11 9.71 16.47
CA VAL B 392 -4.39 10.97 16.36
C VAL B 392 -4.34 11.44 14.90
N LYS B 393 -4.21 10.51 13.95
CA LYS B 393 -4.14 10.91 12.55
C LYS B 393 -5.47 11.47 12.05
N HIS B 394 -6.57 11.02 12.62
CA HIS B 394 -7.92 11.48 12.31
C HIS B 394 -8.47 12.37 13.40
N PHE B 395 -7.59 13.00 14.16
CA PHE B 395 -8.03 13.72 15.36
C PHE B 395 -8.99 14.84 14.98
N PRO B 396 -10.10 14.98 15.72
CA PRO B 396 -11.13 15.96 15.33
C PRO B 396 -10.97 17.27 16.07
N ASP B 397 -11.85 18.24 15.81
CA ASP B 397 -12.09 19.35 16.73
C ASP B 397 -13.54 19.28 17.16
N LYS B 398 -14.00 20.30 17.89
CA LYS B 398 -15.32 20.21 18.51
C LYS B 398 -16.45 20.11 17.48
N SER B 399 -16.16 20.29 16.20
CA SER B 399 -17.21 20.08 15.21
C SER B 399 -17.30 18.63 14.73
N LEU B 400 -16.37 17.77 15.16
CA LEU B 400 -16.44 16.35 14.85
C LEU B 400 -16.83 16.11 13.39
N ASN B 401 -15.94 16.55 12.50
CA ASN B 401 -16.11 16.35 11.08
C ASN B 401 -16.45 14.89 10.79
N PRO B 402 -17.63 14.61 10.21
CA PRO B 402 -18.01 13.20 9.93
C PRO B 402 -17.03 12.43 9.10
N VAL B 403 -16.22 13.10 8.26
CA VAL B 403 -15.27 12.40 7.42
C VAL B 403 -14.12 11.85 8.26
N LEU B 404 -13.73 12.56 9.32
CA LEU B 404 -12.68 12.02 10.17
C LEU B 404 -13.17 10.76 10.89
N THR B 405 -14.37 10.80 11.45
CA THR B 405 -14.92 9.63 12.11
C THR B 405 -15.02 8.45 11.15
N ALA B 406 -15.50 8.67 9.92
CA ALA B 406 -15.81 7.54 9.04
C ALA B 406 -14.53 6.89 8.48
N ARG B 407 -13.51 7.68 8.22
CA ARG B 407 -12.24 7.11 7.81
C ARG B 407 -11.61 6.33 8.96
N PHE B 408 -11.63 6.89 10.17
CA PHE B 408 -11.21 6.13 11.33
C PHE B 408 -11.95 4.80 11.41
N ASN B 409 -13.28 4.83 11.47
CA ASN B 409 -14.04 3.59 11.56
C ASN B 409 -13.70 2.63 10.42
N ARG B 410 -13.34 3.15 9.26
CA ARG B 410 -13.01 2.27 8.15
C ARG B 410 -11.66 1.61 8.38
N GLU B 411 -10.69 2.35 8.91
CA GLU B 411 -9.37 1.76 9.16
C GLU B 411 -9.46 0.73 10.27
N ILE B 412 -10.25 1.00 11.31
CA ILE B 412 -10.36 0.07 12.42
C ILE B 412 -10.97 -1.24 11.95
N GLU B 413 -11.98 -1.18 11.08
CA GLU B 413 -12.69 -2.39 10.71
C GLU B 413 -11.92 -3.22 9.69
N THR B 414 -11.06 -2.60 8.88
CA THR B 414 -10.18 -3.40 8.01
C THR B 414 -9.07 -4.06 8.82
N MET B 415 -8.43 -3.30 9.70
CA MET B 415 -7.51 -3.88 10.66
C MET B 415 -8.10 -5.16 11.26
N PHE B 416 -9.32 -5.06 11.79
CA PHE B 416 -9.88 -6.17 12.54
C PHE B 416 -10.32 -7.29 11.62
N ASP B 417 -11.07 -6.97 10.56
CA ASP B 417 -11.60 -8.00 9.70
C ASP B 417 -10.47 -8.80 9.04
N ASP B 418 -9.38 -8.14 8.66
CA ASP B 418 -8.28 -8.85 8.02
C ASP B 418 -7.62 -9.82 8.99
N THR B 419 -7.55 -9.45 10.28
CA THR B 419 -7.06 -10.38 11.31
C THR B 419 -8.04 -11.51 11.57
N ARG B 420 -9.32 -11.18 11.76
CA ARG B 420 -10.35 -12.20 11.82
C ARG B 420 -10.22 -13.22 10.69
N ASP B 421 -10.00 -12.78 9.46
CA ASP B 421 -9.85 -13.73 8.36
C ASP B 421 -8.61 -14.58 8.53
N PHE B 422 -7.47 -13.94 8.76
CA PHE B 422 -6.21 -14.66 8.87
C PHE B 422 -6.28 -15.71 9.99
N ILE B 423 -6.93 -15.37 11.10
CA ILE B 423 -7.05 -16.32 12.20
C ILE B 423 -7.96 -17.47 11.81
N GLN B 424 -9.14 -17.17 11.28
CA GLN B 424 -10.02 -18.25 10.81
C GLN B 424 -9.27 -19.24 9.94
N ALA B 425 -8.29 -18.77 9.18
CA ALA B 425 -7.61 -19.67 8.28
C ALA B 425 -6.72 -20.68 9.01
N HIS B 426 -6.27 -20.37 10.24
CA HIS B 426 -5.53 -21.36 11.02
C HIS B 426 -6.41 -22.58 11.33
N PHE B 427 -7.70 -22.35 11.57
CA PHE B 427 -8.57 -23.48 11.88
C PHE B 427 -9.14 -24.12 10.62
N TYR B 428 -9.43 -23.31 9.61
CA TYR B 428 -10.08 -23.81 8.39
C TYR B 428 -9.17 -24.74 7.58
N PHE B 429 -7.87 -24.45 7.52
CA PHE B 429 -6.96 -25.28 6.74
C PHE B 429 -6.18 -26.27 7.57
N SER B 430 -6.46 -26.38 8.86
CA SER B 430 -5.89 -27.51 9.60
C SER B 430 -6.36 -28.82 8.98
N PRO B 431 -5.46 -29.80 8.82
CA PRO B 431 -5.91 -31.08 8.26
C PRO B 431 -6.67 -31.95 9.24
N ARG B 432 -6.61 -31.65 10.55
CA ARG B 432 -7.25 -32.51 11.54
C ARG B 432 -8.73 -32.69 11.26
N THR B 433 -9.24 -33.90 11.56
CA THR B 433 -10.67 -34.19 11.46
C THR B 433 -11.14 -34.99 12.67
N ASP B 434 -10.42 -34.92 13.80
CA ASP B 434 -10.53 -35.90 14.87
C ASP B 434 -11.39 -35.48 16.06
N THR B 435 -11.95 -34.26 16.07
CA THR B 435 -12.91 -33.87 17.10
C THR B 435 -14.01 -33.06 16.44
N PRO B 436 -15.21 -33.08 17.02
CA PRO B 436 -16.28 -32.21 16.47
C PRO B 436 -15.79 -30.81 16.15
N PHE B 437 -14.97 -30.22 17.03
CA PHE B 437 -14.44 -28.87 16.81
C PHE B 437 -13.70 -28.75 15.48
N TRP B 438 -12.65 -29.54 15.29
CA TRP B 438 -11.87 -29.38 14.08
C TRP B 438 -12.69 -29.66 12.81
N ARG B 439 -13.65 -30.58 12.86
CA ARG B 439 -14.50 -30.80 11.70
C ARG B 439 -15.49 -29.67 11.50
N ALA B 440 -15.88 -29.00 12.59
CA ALA B 440 -16.79 -27.86 12.49
C ALA B 440 -16.09 -26.63 11.88
N ASN B 441 -14.78 -26.50 12.03
CA ASN B 441 -14.11 -25.36 11.42
C ASN B 441 -14.17 -25.44 9.91
N LYS B 442 -14.12 -26.65 9.35
CA LYS B 442 -14.07 -26.83 7.89
C LYS B 442 -15.41 -26.59 7.22
N GLU B 443 -16.48 -26.37 7.97
CA GLU B 443 -17.79 -26.09 7.42
C GLU B 443 -18.22 -24.63 7.58
N LEU B 444 -17.36 -23.79 8.14
CA LEU B 444 -17.64 -22.36 8.11
C LEU B 444 -17.24 -21.81 6.74
N ARG B 445 -17.84 -20.67 6.38
CA ARG B 445 -17.46 -19.95 5.17
C ARG B 445 -16.31 -18.99 5.50
N LEU B 446 -15.38 -18.85 4.56
CA LEU B 446 -14.44 -17.75 4.61
C LEU B 446 -15.10 -16.49 4.05
N ALA B 447 -14.64 -15.33 4.50
CA ALA B 447 -15.15 -14.11 3.90
C ALA B 447 -14.62 -13.98 2.48
N ASP B 448 -15.44 -13.39 1.60
CA ASP B 448 -15.11 -13.36 0.18
C ASP B 448 -13.70 -12.85 -0.07
N GLY B 449 -13.33 -11.75 0.58
CA GLY B 449 -11.96 -11.27 0.48
C GLY B 449 -10.94 -12.35 0.82
N MET B 450 -11.14 -13.07 1.93
CA MET B 450 -10.23 -14.16 2.27
C MET B 450 -10.26 -15.26 1.21
N GLN B 451 -11.44 -15.69 0.81
CA GLN B 451 -11.56 -16.66 -0.28
C GLN B 451 -10.77 -16.22 -1.50
N GLU B 452 -10.79 -14.92 -1.81
CA GLU B 452 -10.06 -14.43 -2.97
C GLU B 452 -8.55 -14.59 -2.78
N LYS B 453 -8.01 -14.20 -1.60
CA LYS B 453 -6.60 -14.42 -1.33
C LYS B 453 -6.21 -15.87 -1.41
N ILE B 454 -7.06 -16.77 -0.91
CA ILE B 454 -6.76 -18.19 -1.00
C ILE B 454 -6.70 -18.66 -2.46
N ASP B 455 -7.61 -18.16 -3.31
CA ASP B 455 -7.51 -18.49 -4.73
C ASP B 455 -6.21 -17.99 -5.33
N MET B 456 -5.79 -16.77 -4.97
CA MET B 456 -4.52 -16.26 -5.49
C MET B 456 -3.38 -17.15 -5.04
N TYR B 457 -3.40 -17.55 -3.77
CA TYR B 457 -2.33 -18.38 -3.20
C TYR B 457 -2.22 -19.70 -3.95
N ARG B 458 -3.34 -20.37 -4.18
CA ARG B 458 -3.36 -21.61 -4.95
C ARG B 458 -2.86 -21.41 -6.37
N ALA B 459 -2.98 -20.20 -6.90
CA ALA B 459 -2.58 -19.93 -8.27
C ALA B 459 -1.13 -19.55 -8.37
N GLY B 460 -0.39 -19.64 -7.28
CA GLY B 460 1.03 -19.37 -7.33
C GLY B 460 1.41 -17.96 -6.98
N MET B 461 0.46 -17.11 -6.63
CA MET B 461 0.72 -15.70 -6.43
C MET B 461 1.11 -15.41 -5.00
N ALA B 462 1.92 -14.38 -4.83
CA ALA B 462 2.10 -13.81 -3.51
C ALA B 462 0.78 -13.20 -3.02
N ILE B 463 0.65 -13.06 -1.71
CA ILE B 463 -0.50 -12.39 -1.09
C ILE B 463 0.00 -11.20 -0.31
N ASN B 464 -0.45 -10.01 -0.67
CA ASN B 464 0.04 -8.78 -0.07
C ASN B 464 1.54 -8.84 0.10
N ALA B 465 2.23 -9.02 -1.00
CA ALA B 465 3.67 -9.05 -0.91
C ALA B 465 4.15 -7.66 -0.50
N PRO B 466 5.14 -7.57 0.35
CA PRO B 466 5.58 -6.24 0.81
C PRO B 466 6.31 -5.52 -0.32
N ALA B 467 6.11 -4.21 -0.38
CA ALA B 467 6.72 -3.41 -1.43
C ALA B 467 8.22 -3.64 -1.49
N SER B 468 8.87 -3.64 -0.34
CA SER B 468 10.28 -3.91 -0.21
C SER B 468 10.47 -5.14 0.66
N ASP B 469 11.69 -5.69 0.67
CA ASP B 469 12.02 -6.76 1.60
C ASP B 469 12.94 -6.29 2.71
N ASP B 470 13.23 -5.00 2.79
CA ASP B 470 13.96 -4.46 3.94
C ASP B 470 13.04 -4.41 5.16
N ALA B 471 13.34 -5.22 6.18
CA ALA B 471 12.49 -5.31 7.38
C ALA B 471 12.51 -4.03 8.22
N GLN B 472 13.62 -3.29 8.18
CA GLN B 472 13.67 -2.00 8.88
C GLN B 472 12.61 -1.03 8.34
N LEU B 473 12.58 -0.84 7.01
CA LEU B 473 11.56 0.00 6.41
C LEU B 473 10.14 -0.49 6.75
N TYR B 474 9.98 -1.77 7.07
CA TYR B 474 8.66 -2.32 7.35
C TYR B 474 8.29 -2.18 8.82
N TYR B 475 9.07 -2.78 9.72
CA TYR B 475 8.73 -2.68 11.15
C TYR B 475 9.03 -1.30 11.72
N GLY B 476 9.75 -0.45 10.99
CA GLY B 476 10.11 0.84 11.52
C GLY B 476 9.19 1.95 11.04
N ASN B 477 8.35 1.68 10.05
CA ASN B 477 7.44 2.66 9.49
C ASN B 477 6.01 2.13 9.67
N PHE B 478 5.30 2.69 10.64
CA PHE B 478 4.00 2.15 11.00
C PHE B 478 3.05 2.17 9.82
N GLU B 479 3.11 3.25 9.02
CA GLU B 479 2.24 3.34 7.86
C GLU B 479 2.53 2.24 6.89
N GLU B 480 3.82 1.93 6.72
CA GLU B 480 4.22 0.86 5.81
C GLU B 480 3.62 -0.47 6.27
N GLU B 481 3.75 -0.77 7.57
CA GLU B 481 3.29 -2.07 8.06
C GLU B 481 1.79 -2.13 8.13
N PHE B 482 1.16 -1.04 8.56
CA PHE B 482 -0.30 -0.99 8.59
C PHE B 482 -0.92 -1.23 7.20
N ARG B 483 -0.32 -0.69 6.14
CA ARG B 483 -0.97 -0.88 4.84
C ARG B 483 -0.75 -2.27 4.30
N ASN B 484 0.06 -3.06 5.00
CA ASN B 484 0.53 -4.33 4.47
C ASN B 484 0.69 -5.32 5.63
N PHE B 485 -0.31 -5.37 6.50
CA PHE B 485 -0.06 -5.96 7.82
C PHE B 485 0.13 -7.46 7.76
N TRP B 486 -0.74 -8.16 7.02
CA TRP B 486 -0.57 -9.61 6.80
C TRP B 486 0.05 -9.77 5.42
N ASN B 487 1.38 -9.85 5.41
CA ASN B 487 2.12 -9.91 4.17
C ASN B 487 2.34 -11.36 3.74
N ASN B 488 2.96 -11.55 2.57
CA ASN B 488 3.05 -12.87 1.97
C ASN B 488 3.85 -13.85 2.84
N SER B 489 4.86 -13.36 3.56
CA SER B 489 5.60 -14.21 4.50
C SER B 489 4.66 -14.85 5.52
N SER B 490 3.80 -14.04 6.15
CA SER B 490 2.88 -14.58 7.14
C SER B 490 1.94 -15.60 6.52
N TYR B 491 1.44 -15.34 5.31
CA TYR B 491 0.52 -16.30 4.71
C TYR B 491 1.20 -17.62 4.42
N TYR B 492 2.47 -17.58 4.00
CA TYR B 492 3.15 -18.84 3.71
C TYR B 492 3.47 -19.59 5.00
N CYS B 493 4.03 -18.90 6.00
CA CYS B 493 4.29 -19.52 7.30
C CYS B 493 3.11 -20.34 7.75
N VAL B 494 1.91 -19.79 7.65
CA VAL B 494 0.74 -20.43 8.22
C VAL B 494 0.13 -21.43 7.26
N LEU B 495 -0.15 -21.03 6.02
CA LEU B 495 -0.85 -21.96 5.13
C LEU B 495 0.06 -23.09 4.71
N ALA B 496 1.28 -22.76 4.29
CA ALA B 496 2.26 -23.79 3.97
C ALA B 496 2.59 -24.64 5.21
N GLY B 497 2.74 -24.00 6.37
CA GLY B 497 2.89 -24.78 7.59
C GLY B 497 1.78 -25.81 7.76
N LEU B 498 0.53 -25.38 7.61
CA LEU B 498 -0.55 -26.32 7.80
C LEU B 498 -0.63 -27.35 6.67
N GLY B 499 0.11 -27.15 5.57
CA GLY B 499 0.10 -28.07 4.44
C GLY B 499 -0.77 -27.64 3.29
N LEU B 500 -1.39 -26.46 3.36
CA LEU B 500 -2.05 -25.90 2.20
C LEU B 500 -1.01 -25.25 1.31
N VAL B 501 -0.90 -25.72 0.07
CA VAL B 501 0.13 -25.27 -0.86
C VAL B 501 -0.48 -25.04 -2.23
N PRO B 502 0.13 -24.19 -3.06
CA PRO B 502 -0.48 -23.88 -4.35
C PRO B 502 -0.70 -25.13 -5.20
N ASP B 503 -1.70 -25.07 -6.09
CA ASP B 503 -1.96 -26.18 -7.01
C ASP B 503 -0.74 -26.52 -7.84
N ALA B 504 0.01 -25.51 -8.27
CA ALA B 504 1.20 -25.72 -9.09
C ALA B 504 2.13 -24.55 -8.81
N PRO B 505 3.41 -24.67 -9.18
CA PRO B 505 4.34 -23.53 -9.00
C PRO B 505 3.89 -22.32 -9.80
N SER B 506 4.43 -21.16 -9.41
CA SER B 506 4.17 -19.91 -10.12
C SER B 506 4.52 -20.06 -11.60
N PRO B 507 3.61 -19.75 -12.52
CA PRO B 507 3.91 -19.91 -13.95
C PRO B 507 5.14 -19.13 -14.43
N ARG B 508 5.57 -18.08 -13.74
CA ARG B 508 6.75 -17.34 -14.17
C ARG B 508 8.04 -18.14 -13.99
N LEU B 509 8.08 -19.07 -13.04
CA LEU B 509 9.36 -19.71 -12.75
C LEU B 509 9.82 -20.60 -13.89
N ALA B 510 8.87 -21.18 -14.64
CA ALA B 510 9.26 -21.95 -15.81
C ALA B 510 9.87 -21.06 -16.90
N HIS B 511 9.71 -19.75 -16.80
CA HIS B 511 10.26 -18.82 -17.78
C HIS B 511 11.53 -18.14 -17.30
N MET B 512 12.08 -18.55 -16.16
CA MET B 512 13.22 -17.86 -15.57
C MET B 512 14.30 -18.86 -15.26
N PRO B 513 14.86 -19.52 -16.29
CA PRO B 513 15.86 -20.55 -16.02
C PRO B 513 16.98 -20.08 -15.12
N GLN B 514 17.51 -18.89 -15.37
CA GLN B 514 18.65 -18.42 -14.60
C GLN B 514 18.26 -18.08 -13.16
N ALA B 515 17.00 -17.65 -12.93
CA ALA B 515 16.57 -17.32 -11.58
C ALA B 515 16.51 -18.57 -10.70
N THR B 516 15.86 -19.63 -11.18
CA THR B 516 15.75 -20.85 -10.38
C THR B 516 17.06 -21.60 -10.18
N GLU B 517 18.15 -21.26 -10.90
CA GLU B 517 19.45 -21.88 -10.64
C GLU B 517 20.32 -21.07 -9.69
N SER B 518 20.29 -19.73 -9.80
CA SER B 518 21.00 -18.85 -8.87
C SER B 518 20.31 -18.73 -7.49
N VAL B 519 19.11 -19.29 -7.36
CA VAL B 519 18.41 -19.24 -6.08
C VAL B 519 19.02 -20.23 -5.10
N ASP B 520 19.70 -21.27 -5.57
CA ASP B 520 20.35 -22.20 -4.66
C ASP B 520 21.32 -21.48 -3.72
N GLU B 521 21.88 -20.36 -4.14
CA GLU B 521 22.80 -19.62 -3.30
C GLU B 521 22.07 -18.81 -2.25
N VAL B 522 20.78 -18.53 -2.46
CA VAL B 522 19.97 -17.85 -1.45
C VAL B 522 19.62 -18.82 -0.32
N PHE B 523 19.12 -20.01 -0.67
CA PHE B 523 18.86 -21.04 0.33
C PHE B 523 20.12 -21.44 1.07
N GLY B 524 21.28 -21.40 0.40
CA GLY B 524 22.53 -21.69 1.08
C GLY B 524 22.92 -20.61 2.07
N ALA B 525 22.66 -19.36 1.73
CA ALA B 525 22.92 -18.26 2.67
C ALA B 525 22.12 -18.45 3.96
N VAL B 526 20.85 -18.87 3.86
CA VAL B 526 20.07 -19.23 5.04
C VAL B 526 20.71 -20.40 5.78
N LYS B 527 21.02 -21.49 5.06
CA LYS B 527 21.64 -22.64 5.71
C LYS B 527 22.92 -22.25 6.45
N ASP B 528 23.75 -21.40 5.84
CA ASP B 528 24.96 -20.94 6.51
C ASP B 528 24.61 -20.10 7.74
N ARG B 529 23.74 -19.11 7.55
CA ARG B 529 23.43 -18.26 8.70
C ARG B 529 22.75 -19.06 9.80
N GLN B 530 21.96 -20.09 9.43
CA GLN B 530 21.35 -20.83 10.52
C GLN B 530 22.33 -21.81 11.14
N ARG B 531 23.36 -22.23 10.42
CA ARG B 531 24.38 -23.05 11.06
C ARG B 531 25.26 -22.21 11.98
N ASN B 532 25.56 -20.97 11.60
CA ASN B 532 26.56 -20.16 12.28
C ASN B 532 26.01 -19.54 13.56
N LEU B 533 24.74 -19.15 13.55
CA LEU B 533 24.13 -18.58 14.74
C LEU B 533 23.92 -19.63 15.82
N LEU B 534 23.63 -20.88 15.39
CA LEU B 534 23.42 -21.96 16.36
C LEU B 534 24.68 -22.25 17.15
N GLU B 535 25.85 -21.90 16.62
CA GLU B 535 27.09 -22.11 17.35
C GLU B 535 27.53 -20.87 18.12
N THR B 536 27.19 -19.68 17.65
CA THR B 536 27.66 -18.42 18.25
C THR B 536 26.65 -17.78 19.19
N LEU B 537 25.39 -18.23 19.21
CA LEU B 537 24.45 -17.45 20.03
C LEU B 537 24.36 -18.02 21.45
N PRO B 538 24.29 -17.14 22.45
CA PRO B 538 23.98 -17.60 23.80
C PRO B 538 22.54 -18.07 23.87
N SER B 539 22.25 -18.89 24.89
CA SER B 539 20.85 -19.15 25.16
C SER B 539 20.15 -17.86 25.57
N LEU B 540 18.84 -17.82 25.33
CA LEU B 540 18.05 -16.69 25.81
C LEU B 540 18.22 -16.53 27.31
N HIS B 541 18.17 -17.64 28.03
CA HIS B 541 18.38 -17.60 29.46
C HIS B 541 19.71 -16.91 29.78
N GLU B 542 20.80 -17.34 29.13
CA GLU B 542 22.08 -16.73 29.43
C GLU B 542 22.04 -15.25 29.13
N PHE B 543 21.36 -14.86 28.07
CA PHE B 543 21.27 -13.44 27.79
C PHE B 543 20.39 -12.73 28.80
N LEU B 544 19.28 -13.37 29.20
CA LEU B 544 18.35 -12.74 30.16
C LEU B 544 19.05 -12.45 31.48
N ARG B 545 19.87 -13.38 31.97
CA ARG B 545 20.55 -13.15 33.25
C ARG B 545 21.51 -11.99 33.18
N GLN B 546 22.11 -11.75 32.01
CA GLN B 546 23.04 -10.64 31.88
C GLN B 546 22.36 -9.29 32.09
N GLN B 547 21.12 -9.10 31.61
CA GLN B 547 20.50 -7.77 31.72
C GLN B 547 20.04 -7.49 33.15
N HIS B 548 19.36 -8.45 33.79
CA HIS B 548 18.85 -8.22 35.15
C HIS B 548 19.99 -8.42 36.17
N GLY B 549 20.64 -7.33 36.56
CA GLY B 549 21.86 -7.39 37.38
C GLY B 549 22.95 -8.19 36.67
#